data_8I2B
#
_entry.id   8I2B
#
_cell.length_a   91.318
_cell.length_b   91.318
_cell.length_c   143.674
_cell.angle_alpha   90.00
_cell.angle_beta   90.00
_cell.angle_gamma   120.00
#
_symmetry.space_group_name_H-M   'P 63'
#
loop_
_entity.id
_entity.type
_entity.pdbx_description
1 polymer 'NAD-dependent protein deacylase sirtuin-6'
2 non-polymer 'TETRAETHYLENE GLYCOL'
3 non-polymer N1-[[4-(4-aminophenyl)sulfanyl-3-(trifluoromethyl)phenyl]methoxy]benzene-1,4-dicarboxamide
4 non-polymer '[(2R,3S,4R,5R)-5-(6-AMINOPURIN-9-YL)-3,4-DIHYDROXY-OXOLAN-2-YL]METHYL[HYDROXY-[[(2R,3S,4R,5S)-3,4,5-TRIHYDROXYOXOLAN-2-YL]METHOXY]PHOSPHORYL] HYDROGEN PHOSPHATE'
5 non-polymer 'ZINC ION'
6 non-polymer 'SULFATE ION'
7 water water
#
_entity_poly.entity_id   1
_entity_poly.type   'polypeptide(L)'
_entity_poly.pdbx_seq_one_letter_code
;APFTADKGKCGLPEIFDPPEELERKVWELARLVWQSSSVVFHTGAGISTASGIPDFRGPHGVWTMEERGLAPKFDTTFES
ARPTQTHMALVQLERVGLLRFLVSQNVDGLHVRSGFPRDKLAELHGNMFVEECAKCKTQYVRDTVVGTMGLKATGRLCTV
AKARGLRACRGELRDTILDWEDSLPDRDLALADEASRNADLSITLGTSLQIRPSGNLPLATKRRGGRLVIVNLQPTKHDR
HADLRIHGYVDEVMTRLMKHLGLEIPAWDGPRVLERALPPLPRPPTPKLE
;
_entity_poly.pdbx_strand_id   A,B
#
loop_
_chem_comp.id
_chem_comp.type
_chem_comp.name
_chem_comp.formula
AR6 non-polymer '[(2R,3S,4R,5R)-5-(6-AMINOPURIN-9-YL)-3,4-DIHYDROXY-OXOLAN-2-YL]METHYL[HYDROXY-[[(2R,3S,4R,5S)-3,4,5-TRIHYDROXYOXOLAN-2-YL]METHOXY]PHOSPHORYL] HYDROGEN PHOSPHATE' 'C15 H23 N5 O14 P2'
O5L non-polymer N1-[[4-(4-aminophenyl)sulfanyl-3-(trifluoromethyl)phenyl]methoxy]benzene-1,4-dicarboxamide 'C22 H18 F3 N3 O3 S'
PG4 non-polymer 'TETRAETHYLENE GLYCOL' 'C8 H18 O5'
SO4 non-polymer 'SULFATE ION' 'O4 S -2'
ZN non-polymer 'ZINC ION' 'Zn 2'
#
# COMPACT_ATOMS: atom_id res chain seq x y z
N ALA A 1 27.53 13.78 -16.08
CA ALA A 1 27.07 12.38 -15.83
C ALA A 1 25.66 12.40 -15.24
N PRO A 2 25.46 12.60 -13.91
CA PRO A 2 24.16 12.30 -13.30
C PRO A 2 23.08 13.30 -13.76
N PHE A 3 23.52 14.54 -13.91
CA PHE A 3 22.66 15.71 -14.19
C PHE A 3 22.18 15.59 -15.64
N THR A 4 23.08 15.22 -16.55
CA THR A 4 22.81 15.19 -18.01
C THR A 4 22.11 13.87 -18.38
N ALA A 5 22.23 12.84 -17.53
CA ALA A 5 21.79 11.44 -17.77
C ALA A 5 20.42 11.41 -18.46
N ASP A 6 20.31 10.63 -19.53
CA ASP A 6 19.05 10.41 -20.29
C ASP A 6 18.06 9.66 -19.40
N LYS A 7 16.98 10.31 -18.99
CA LYS A 7 15.95 9.73 -18.08
C LYS A 7 14.77 9.20 -18.90
N GLY A 8 14.93 9.17 -20.23
CA GLY A 8 13.98 8.59 -21.18
C GLY A 8 12.70 9.37 -21.24
N LYS A 9 11.61 8.71 -21.66
CA LYS A 9 10.26 9.30 -21.85
C LYS A 9 9.49 9.17 -20.54
N CYS A 10 9.19 10.31 -19.92
CA CYS A 10 8.59 10.45 -18.58
C CYS A 10 7.20 11.05 -18.71
N GLY A 11 6.23 10.54 -17.97
CA GLY A 11 4.88 11.14 -17.86
C GLY A 11 4.01 10.92 -19.11
N LEU A 12 4.29 9.90 -19.91
CA LEU A 12 3.41 9.41 -21.01
C LEU A 12 2.01 9.13 -20.46
N PRO A 13 0.95 9.24 -21.30
CA PRO A 13 -0.42 9.17 -20.79
C PRO A 13 -0.72 7.73 -20.33
N GLU A 14 -1.51 7.59 -19.27
CA GLU A 14 -1.97 6.27 -18.79
C GLU A 14 -3.05 5.71 -19.70
N ILE A 15 -3.09 4.38 -19.86
CA ILE A 15 -4.14 3.63 -20.61
C ILE A 15 -4.87 2.73 -19.61
N PHE A 16 -6.19 2.67 -19.72
CA PHE A 16 -7.07 1.80 -18.93
C PHE A 16 -7.87 0.94 -19.91
N ASP A 17 -7.58 -0.38 -19.94
CA ASP A 17 -8.44 -1.35 -20.65
C ASP A 17 -9.82 -1.29 -19.99
N PRO A 18 -10.94 -1.24 -20.75
CA PRO A 18 -12.26 -1.27 -20.13
C PRO A 18 -12.51 -2.66 -19.56
N PRO A 19 -13.39 -2.76 -18.53
CA PRO A 19 -13.53 -3.98 -17.72
C PRO A 19 -13.69 -5.33 -18.43
N GLU A 20 -14.46 -5.40 -19.52
CA GLU A 20 -14.71 -6.66 -20.26
C GLU A 20 -13.43 -7.06 -21.00
N GLU A 21 -12.70 -6.10 -21.55
CA GLU A 21 -11.43 -6.40 -22.24
C GLU A 21 -10.43 -6.81 -21.16
N LEU A 22 -10.40 -6.09 -20.06
CA LEU A 22 -9.48 -6.40 -18.92
C LEU A 22 -9.74 -7.84 -18.45
N GLU A 23 -10.99 -8.18 -18.12
CA GLU A 23 -11.39 -9.55 -17.67
C GLU A 23 -10.92 -10.59 -18.69
N ARG A 24 -11.06 -10.32 -19.99
CA ARG A 24 -10.71 -11.32 -21.02
C ARG A 24 -9.20 -11.44 -21.15
N LYS A 25 -8.43 -10.37 -20.97
CA LYS A 25 -6.95 -10.46 -21.08
C LYS A 25 -6.37 -11.25 -19.89
N VAL A 26 -6.96 -11.10 -18.71
CA VAL A 26 -6.41 -11.81 -17.52
C VAL A 26 -6.65 -13.31 -17.70
N TRP A 27 -7.79 -13.70 -18.29
CA TRP A 27 -8.10 -15.11 -18.64
C TRP A 27 -7.07 -15.66 -19.62
N GLU A 28 -6.66 -14.84 -20.58
CA GLU A 28 -5.66 -15.21 -21.60
C GLU A 28 -4.30 -15.34 -20.92
N LEU A 29 -3.98 -14.47 -19.96
CA LEU A 29 -2.70 -14.56 -19.20
C LEU A 29 -2.70 -15.89 -18.42
N ALA A 30 -3.79 -16.19 -17.73
CA ALA A 30 -4.01 -17.49 -17.03
C ALA A 30 -3.69 -18.66 -17.96
N ARG A 31 -4.29 -18.63 -19.16
CA ARG A 31 -4.08 -19.67 -20.20
C ARG A 31 -2.59 -19.81 -20.52
N LEU A 32 -1.84 -18.72 -20.65
CA LEU A 32 -0.39 -18.74 -21.04
C LEU A 32 0.44 -19.29 -19.88
N VAL A 33 0.07 -18.97 -18.66
CA VAL A 33 0.77 -19.52 -17.46
C VAL A 33 0.55 -21.04 -17.48
N TRP A 34 -0.68 -21.49 -17.67
CA TRP A 34 -1.03 -22.94 -17.68
C TRP A 34 -0.25 -23.65 -18.80
N GLN A 35 -0.10 -23.02 -19.96
CA GLN A 35 0.50 -23.64 -21.16
C GLN A 35 2.03 -23.66 -21.11
N SER A 36 2.63 -22.90 -20.20
CA SER A 36 4.08 -22.57 -20.20
C SER A 36 4.81 -23.50 -19.24
N SER A 37 6.04 -23.89 -19.57
CA SER A 37 6.89 -24.74 -18.69
C SER A 37 7.92 -23.88 -17.93
N SER A 38 8.32 -22.73 -18.46
CA SER A 38 9.31 -21.83 -17.82
C SER A 38 8.81 -20.38 -17.87
N VAL A 39 8.34 -19.85 -16.73
CA VAL A 39 7.70 -18.52 -16.63
C VAL A 39 8.67 -17.62 -15.84
N VAL A 40 9.07 -16.50 -16.44
CA VAL A 40 9.98 -15.51 -15.81
C VAL A 40 9.23 -14.20 -15.74
N PHE A 41 9.32 -13.54 -14.59
CA PHE A 41 8.67 -12.24 -14.32
C PHE A 41 9.78 -11.20 -14.26
N HIS A 42 9.47 -10.03 -14.79
CA HIS A 42 10.34 -8.84 -14.79
C HIS A 42 9.56 -7.74 -14.09
N THR A 43 10.05 -7.23 -12.97
CA THR A 43 9.31 -6.19 -12.23
C THR A 43 10.10 -4.88 -12.22
N GLY A 44 9.36 -3.79 -12.14
CA GLY A 44 9.90 -2.45 -11.91
C GLY A 44 8.98 -1.72 -10.99
N ALA A 45 9.18 -0.42 -10.93
CA ALA A 45 8.77 0.41 -9.78
C ALA A 45 7.24 0.50 -9.69
N GLY A 46 6.54 0.25 -10.80
CA GLY A 46 5.06 0.20 -10.87
C GLY A 46 4.45 -0.80 -9.86
N ILE A 47 5.16 -1.86 -9.47
CA ILE A 47 4.51 -2.85 -8.54
C ILE A 47 4.60 -2.38 -7.09
N SER A 48 5.26 -1.25 -6.81
CA SER A 48 5.51 -0.77 -5.43
C SER A 48 4.69 0.50 -5.18
N THR A 49 4.01 1.06 -6.19
CA THR A 49 3.34 2.38 -6.05
C THR A 49 2.16 2.23 -5.09
N ALA A 50 1.48 1.08 -5.07
CA ALA A 50 0.30 0.79 -4.21
C ALA A 50 0.71 0.62 -2.73
N SER A 51 2.01 0.60 -2.39
CA SER A 51 2.45 0.67 -0.97
C SER A 51 3.10 2.02 -0.67
N GLY A 52 2.99 3.01 -1.58
CA GLY A 52 3.34 4.39 -1.27
C GLY A 52 4.70 4.83 -1.77
N ILE A 53 5.37 4.01 -2.58
CA ILE A 53 6.69 4.33 -3.20
C ILE A 53 6.38 4.84 -4.59
N PRO A 54 6.69 6.10 -4.92
CA PRO A 54 6.41 6.60 -6.26
C PRO A 54 7.39 5.92 -7.24
N ASP A 55 6.99 5.84 -8.51
CA ASP A 55 7.80 5.23 -9.60
C ASP A 55 8.70 6.35 -10.16
N PHE A 56 9.39 6.07 -11.26
CA PHE A 56 10.34 7.01 -11.91
C PHE A 56 9.66 7.86 -13.00
N ARG A 57 8.87 7.23 -13.89
CA ARG A 57 8.41 7.81 -15.17
C ARG A 57 6.89 7.83 -15.28
N GLY A 58 6.16 7.46 -14.23
CA GLY A 58 4.69 7.60 -14.14
C GLY A 58 4.27 9.07 -13.99
N PRO A 59 2.95 9.38 -14.01
CA PRO A 59 2.51 10.76 -13.98
C PRO A 59 3.13 11.58 -12.81
N HIS A 60 3.24 10.96 -11.65
CA HIS A 60 3.89 11.50 -10.44
C HIS A 60 5.21 10.78 -10.18
N GLY A 61 5.81 10.20 -11.21
CA GLY A 61 7.15 9.61 -11.04
C GLY A 61 8.25 10.59 -10.61
N VAL A 62 9.32 10.08 -9.98
CA VAL A 62 10.52 10.85 -9.55
C VAL A 62 11.01 11.73 -10.73
N TRP A 63 11.35 11.12 -11.86
CA TRP A 63 11.91 11.87 -13.02
C TRP A 63 10.82 12.78 -13.60
N THR A 64 9.60 12.28 -13.78
CA THR A 64 8.46 13.07 -14.31
C THR A 64 8.34 14.37 -13.50
N MET A 65 8.36 14.32 -12.18
CA MET A 65 8.06 15.50 -11.35
C MET A 65 9.25 16.47 -11.39
N GLU A 66 10.46 15.93 -11.40
CA GLU A 66 11.71 16.72 -11.53
C GLU A 66 11.65 17.58 -12.80
N GLU A 67 11.16 17.03 -13.90
CA GLU A 67 11.01 17.68 -15.23
C GLU A 67 10.10 18.90 -15.09
N ARG A 68 9.08 18.83 -14.22
CA ARG A 68 8.09 19.92 -14.02
C ARG A 68 8.48 20.80 -12.82
N GLY A 69 9.67 20.66 -12.25
CA GLY A 69 10.08 21.46 -11.08
C GLY A 69 9.38 21.03 -9.78
N LEU A 70 8.79 19.83 -9.72
CA LEU A 70 8.01 19.37 -8.54
C LEU A 70 8.79 18.22 -7.91
N ALA A 71 8.34 17.78 -6.73
CA ALA A 71 8.96 16.67 -5.94
C ALA A 71 8.05 15.46 -6.05
N PRO A 72 8.61 14.23 -6.01
CA PRO A 72 7.78 13.04 -5.87
C PRO A 72 7.34 12.97 -4.41
N LYS A 73 6.29 12.20 -4.14
CA LYS A 73 5.76 12.03 -2.76
C LYS A 73 5.89 10.55 -2.37
N PHE A 74 6.44 10.31 -1.17
CA PHE A 74 6.45 9.02 -0.44
C PHE A 74 5.30 9.05 0.58
N ASP A 75 4.49 8.00 0.64
CA ASP A 75 3.44 7.82 1.66
C ASP A 75 3.94 6.87 2.74
N THR A 76 5.23 6.51 2.68
CA THR A 76 5.86 5.54 3.60
C THR A 76 7.37 5.75 3.53
N THR A 77 8.11 5.22 4.50
CA THR A 77 9.57 5.05 4.40
C THR A 77 9.83 3.69 3.76
N PHE A 78 11.07 3.45 3.34
CA PHE A 78 11.47 2.15 2.78
C PHE A 78 11.28 1.08 3.84
N GLU A 79 11.60 1.41 5.10
CA GLU A 79 11.55 0.45 6.23
C GLU A 79 10.11 0.09 6.61
N SER A 80 9.16 1.03 6.58
CA SER A 80 7.75 0.78 6.98
C SER A 80 6.90 0.34 5.78
N ALA A 81 7.46 0.32 4.58
CA ALA A 81 6.67 -0.09 3.38
C ALA A 81 6.33 -1.58 3.51
N ARG A 82 5.14 -1.96 3.12
CA ARG A 82 4.69 -3.37 3.05
C ARG A 82 4.65 -3.78 1.59
N PRO A 83 5.07 -5.02 1.30
CA PRO A 83 4.90 -5.59 -0.02
C PRO A 83 3.41 -5.56 -0.41
N THR A 84 3.15 -5.29 -1.69
CA THR A 84 1.80 -5.27 -2.27
C THR A 84 1.29 -6.71 -2.45
N GLN A 85 -0.01 -6.81 -2.69
CA GLN A 85 -0.67 -8.02 -3.22
C GLN A 85 0.16 -8.64 -4.36
N THR A 86 0.72 -7.84 -5.26
CA THR A 86 1.52 -8.30 -6.41
C THR A 86 2.76 -8.97 -5.87
N HIS A 87 3.47 -8.33 -4.95
CA HIS A 87 4.70 -8.91 -4.33
C HIS A 87 4.37 -10.29 -3.75
N MET A 88 3.28 -10.36 -2.99
CA MET A 88 2.92 -11.61 -2.28
C MET A 88 2.40 -12.64 -3.30
N ALA A 89 1.77 -12.24 -4.40
CA ALA A 89 1.34 -13.19 -5.43
C ALA A 89 2.60 -13.81 -6.07
N LEU A 90 3.68 -13.02 -6.25
CA LEU A 90 4.92 -13.55 -6.88
C LEU A 90 5.55 -14.59 -5.93
N VAL A 91 5.47 -14.36 -4.61
CA VAL A 91 5.99 -15.29 -3.57
C VAL A 91 5.31 -16.64 -3.79
N GLN A 92 3.99 -16.65 -3.80
CA GLN A 92 3.18 -17.87 -3.94
C GLN A 92 3.42 -18.54 -5.29
N LEU A 93 3.44 -17.79 -6.38
CA LEU A 93 3.71 -18.38 -7.70
C LEU A 93 5.06 -19.09 -7.65
N GLU A 94 6.10 -18.53 -7.02
CA GLU A 94 7.40 -19.25 -6.88
C GLU A 94 7.22 -20.50 -6.00
N ARG A 95 6.43 -20.42 -4.93
CA ARG A 95 6.32 -21.56 -3.98
C ARG A 95 5.67 -22.74 -4.65
N VAL A 96 4.76 -22.53 -5.61
CA VAL A 96 4.02 -23.68 -6.19
C VAL A 96 4.65 -24.05 -7.53
N GLY A 97 5.84 -23.49 -7.85
CA GLY A 97 6.68 -23.89 -8.99
C GLY A 97 6.15 -23.34 -10.33
N LEU A 98 5.35 -22.28 -10.31
CA LEU A 98 4.80 -21.70 -11.57
C LEU A 98 5.64 -20.52 -12.04
N LEU A 99 6.52 -19.99 -11.20
CA LEU A 99 7.50 -18.95 -11.56
C LEU A 99 8.89 -19.59 -11.50
N ARG A 100 9.63 -19.57 -12.59
CA ARG A 100 11.02 -20.11 -12.63
C ARG A 100 11.99 -19.06 -12.09
N PHE A 101 11.86 -17.79 -12.50
CA PHE A 101 12.84 -16.76 -12.09
C PHE A 101 12.16 -15.41 -11.99
N LEU A 102 12.71 -14.54 -11.17
CA LEU A 102 12.17 -13.16 -10.99
C LEU A 102 13.33 -12.21 -11.26
N VAL A 103 13.14 -11.29 -12.19
CA VAL A 103 14.15 -10.27 -12.55
C VAL A 103 13.57 -8.90 -12.23
N SER A 104 14.21 -8.15 -11.34
CA SER A 104 13.71 -6.86 -10.83
C SER A 104 14.75 -5.75 -10.96
N GLN A 105 14.29 -4.59 -11.43
CA GLN A 105 15.05 -3.32 -11.46
C GLN A 105 14.91 -2.54 -10.16
N ASN A 106 14.04 -2.98 -9.24
CA ASN A 106 13.72 -2.21 -8.00
C ASN A 106 14.84 -2.33 -6.98
N VAL A 107 15.21 -1.19 -6.39
CA VAL A 107 16.15 -1.05 -5.25
C VAL A 107 15.38 -0.94 -3.92
N ASP A 108 14.06 -1.04 -3.96
CA ASP A 108 13.20 -0.85 -2.75
C ASP A 108 13.26 -2.03 -1.75
N GLY A 109 13.94 -3.12 -2.05
CA GLY A 109 14.16 -4.20 -1.05
C GLY A 109 12.91 -5.06 -0.76
N LEU A 110 11.77 -4.78 -1.37
CA LEU A 110 10.47 -5.40 -0.97
C LEU A 110 10.39 -6.86 -1.41
N HIS A 111 10.96 -7.22 -2.55
CA HIS A 111 10.95 -8.64 -2.97
C HIS A 111 11.65 -9.46 -1.89
N VAL A 112 12.85 -9.07 -1.48
CA VAL A 112 13.60 -9.84 -0.42
C VAL A 112 12.75 -9.81 0.85
N ARG A 113 12.24 -8.64 1.24
CA ARG A 113 11.53 -8.53 2.54
C ARG A 113 10.20 -9.27 2.51
N SER A 114 9.63 -9.49 1.31
CA SER A 114 8.41 -10.29 1.10
C SER A 114 8.63 -11.78 1.42
N GLY A 115 9.89 -12.25 1.47
CA GLY A 115 10.24 -13.68 1.75
C GLY A 115 10.56 -14.40 0.46
N PHE A 116 10.79 -13.66 -0.62
CA PHE A 116 11.02 -14.27 -1.94
C PHE A 116 12.41 -14.88 -1.97
N PRO A 117 12.60 -16.12 -2.43
CA PRO A 117 13.94 -16.72 -2.41
C PRO A 117 14.98 -16.00 -3.29
N ARG A 118 16.01 -15.50 -2.65
CA ARG A 118 17.14 -14.75 -3.25
C ARG A 118 17.82 -15.54 -4.37
N ASP A 119 17.89 -16.87 -4.27
CA ASP A 119 18.56 -17.64 -5.35
C ASP A 119 17.63 -17.73 -6.58
N LYS A 120 16.41 -17.17 -6.55
CA LYS A 120 15.56 -17.09 -7.78
C LYS A 120 15.29 -15.65 -8.21
N LEU A 121 16.03 -14.72 -7.62
CA LEU A 121 15.82 -13.27 -7.81
C LEU A 121 17.08 -12.61 -8.36
N ALA A 122 16.96 -11.79 -9.41
CA ALA A 122 18.05 -10.91 -9.90
C ALA A 122 17.67 -9.47 -9.61
N GLU A 123 18.44 -8.82 -8.73
CA GLU A 123 18.20 -7.41 -8.38
C GLU A 123 19.18 -6.62 -9.22
N LEU A 124 18.77 -6.27 -10.44
CA LEU A 124 19.69 -5.74 -11.47
C LEU A 124 20.35 -4.43 -11.04
N HIS A 125 19.66 -3.62 -10.22
CA HIS A 125 20.06 -2.24 -9.86
C HIS A 125 20.46 -2.15 -8.42
N GLY A 126 20.52 -3.30 -7.72
CA GLY A 126 20.91 -3.33 -6.30
C GLY A 126 19.70 -3.27 -5.38
N ASN A 127 19.97 -3.24 -4.08
CA ASN A 127 18.98 -3.32 -2.98
C ASN A 127 19.45 -2.33 -1.92
N MET A 128 18.60 -1.40 -1.53
CA MET A 128 18.97 -0.33 -0.54
C MET A 128 19.26 -0.87 0.85
N PHE A 129 18.79 -2.06 1.17
CA PHE A 129 19.00 -2.71 2.50
C PHE A 129 20.26 -3.59 2.47
N VAL A 130 20.91 -3.77 1.31
CA VAL A 130 21.98 -4.78 1.15
C VAL A 130 23.31 -4.04 1.01
N GLU A 131 24.27 -4.35 1.87
CA GLU A 131 25.67 -3.96 1.71
C GLU A 131 26.51 -5.21 1.48
N GLU A 132 27.69 -5.02 0.91
CA GLU A 132 28.54 -6.09 0.36
C GLU A 132 30.01 -5.82 0.70
N CYS A 133 30.72 -6.82 1.24
CA CYS A 133 32.17 -6.73 1.57
C CYS A 133 32.95 -6.52 0.26
N ALA A 134 33.61 -5.39 0.13
CA ALA A 134 34.60 -5.14 -0.95
C ALA A 134 35.56 -6.34 -1.06
N LYS A 135 36.07 -6.87 0.05
CA LYS A 135 37.15 -7.92 0.04
C LYS A 135 36.56 -9.29 -0.39
N CYS A 136 35.63 -9.85 0.38
CA CYS A 136 35.22 -11.27 0.25
C CYS A 136 33.88 -11.41 -0.49
N LYS A 137 33.23 -10.29 -0.83
CA LYS A 137 31.95 -10.18 -1.59
C LYS A 137 30.77 -10.74 -0.78
N THR A 138 30.90 -10.87 0.55
CA THR A 138 29.79 -11.33 1.41
C THR A 138 28.74 -10.20 1.51
N GLN A 139 27.49 -10.52 1.24
CA GLN A 139 26.36 -9.57 1.33
C GLN A 139 25.72 -9.67 2.71
N TYR A 140 25.25 -8.54 3.22
CA TYR A 140 24.43 -8.47 4.45
C TYR A 140 23.10 -7.80 4.10
N VAL A 141 22.00 -8.46 4.45
CA VAL A 141 20.64 -7.88 4.32
C VAL A 141 20.27 -7.20 5.63
N ARG A 142 20.25 -5.88 5.65
CA ARG A 142 20.01 -5.08 6.89
C ARG A 142 18.50 -4.83 7.07
N ASP A 143 18.08 -4.51 8.29
CA ASP A 143 16.70 -4.16 8.69
C ASP A 143 16.40 -2.68 8.42
N THR A 144 17.42 -1.87 8.15
CA THR A 144 17.26 -0.43 7.75
C THR A 144 18.09 -0.18 6.48
N VAL A 145 17.75 0.84 5.68
CA VAL A 145 18.47 1.16 4.40
C VAL A 145 19.93 1.52 4.75
N VAL A 146 20.92 1.16 3.92
CA VAL A 146 22.34 1.06 4.41
C VAL A 146 22.96 2.46 4.63
N GLY A 147 22.60 3.45 3.81
CA GLY A 147 22.91 4.87 4.07
C GLY A 147 23.48 5.60 2.86
N THR A 148 24.13 4.89 1.93
CA THR A 148 24.87 5.50 0.81
C THR A 148 24.38 4.95 -0.53
N MET A 149 24.66 5.69 -1.60
CA MET A 149 24.32 5.22 -2.97
C MET A 149 25.59 5.31 -3.82
N GLY A 150 25.76 4.39 -4.78
CA GLY A 150 26.81 4.50 -5.80
C GLY A 150 28.02 3.65 -5.51
N LEU A 151 27.85 2.57 -4.73
CA LEU A 151 28.87 1.54 -4.37
C LEU A 151 29.96 2.17 -3.50
N LYS A 152 29.56 3.10 -2.62
CA LYS A 152 30.45 3.82 -1.67
C LYS A 152 30.58 3.01 -0.37
N ALA A 153 31.53 3.42 0.48
CA ALA A 153 31.77 2.86 1.82
C ALA A 153 30.64 3.27 2.76
N THR A 154 30.03 2.33 3.47
CA THR A 154 28.83 2.60 4.32
C THR A 154 29.33 3.12 5.67
N GLY A 155 30.51 2.65 6.08
CA GLY A 155 31.11 2.85 7.41
C GLY A 155 31.33 1.53 8.15
N ARG A 156 30.59 0.46 7.81
CA ARG A 156 30.64 -0.81 8.59
C ARG A 156 31.75 -1.70 8.02
N LEU A 157 32.18 -2.71 8.77
CA LEU A 157 33.22 -3.69 8.34
C LEU A 157 32.65 -5.11 8.36
N CYS A 158 33.21 -5.97 7.51
CA CYS A 158 32.81 -7.40 7.37
C CYS A 158 33.08 -8.13 8.68
N THR A 159 32.28 -9.16 9.00
CA THR A 159 32.32 -9.93 10.27
C THR A 159 32.53 -11.42 9.96
N VAL A 160 32.81 -11.80 8.72
CA VAL A 160 33.13 -13.22 8.34
C VAL A 160 34.48 -13.60 8.98
N ALA A 161 34.58 -14.82 9.53
CA ALA A 161 35.76 -15.35 10.27
C ALA A 161 35.97 -16.82 9.88
N CYS A 169 37.70 -11.04 8.70
CA CYS A 169 37.94 -10.52 7.34
C CYS A 169 38.10 -9.00 7.38
N ARG A 170 37.18 -8.33 8.08
CA ARG A 170 37.22 -6.87 8.40
C ARG A 170 37.26 -6.03 7.11
N GLY A 171 36.75 -6.58 6.00
CA GLY A 171 36.57 -5.86 4.73
C GLY A 171 35.64 -4.66 4.88
N GLU A 172 35.84 -3.67 4.00
CA GLU A 172 35.01 -2.45 3.88
C GLU A 172 33.65 -2.83 3.29
N LEU A 173 32.55 -2.48 3.96
CA LEU A 173 31.18 -2.77 3.46
C LEU A 173 30.75 -1.58 2.59
N ARG A 174 30.20 -1.86 1.42
CA ARG A 174 29.72 -0.83 0.45
C ARG A 174 28.24 -1.10 0.13
N ASP A 175 27.47 -0.07 -0.19
CA ASP A 175 26.08 -0.21 -0.69
C ASP A 175 26.11 -0.96 -2.03
N THR A 176 24.95 -1.38 -2.54
CA THR A 176 24.82 -2.13 -3.81
C THR A 176 24.06 -1.29 -4.86
N ILE A 177 23.80 -0.02 -4.58
CA ILE A 177 23.00 0.86 -5.49
C ILE A 177 23.88 1.36 -6.64
N LEU A 178 23.61 0.91 -7.86
CA LEU A 178 24.35 1.32 -9.09
C LEU A 178 24.14 2.82 -9.29
N ASP A 179 25.23 3.60 -9.49
CA ASP A 179 25.15 4.97 -10.06
C ASP A 179 24.98 4.88 -11.58
N TRP A 180 24.72 6.02 -12.25
CA TRP A 180 24.34 6.06 -13.69
C TRP A 180 25.34 5.28 -14.55
N GLU A 181 26.63 5.43 -14.28
CA GLU A 181 27.70 4.87 -15.17
C GLU A 181 28.16 3.51 -14.67
N ASP A 182 27.67 3.04 -13.50
CA ASP A 182 28.05 1.71 -12.92
C ASP A 182 27.41 0.57 -13.72
N SER A 183 28.25 -0.37 -14.16
CA SER A 183 27.88 -1.68 -14.78
C SER A 183 27.02 -2.50 -13.82
N LEU A 184 26.08 -3.29 -14.38
CA LEU A 184 25.21 -4.26 -13.65
C LEU A 184 26.05 -5.36 -13.01
N PRO A 185 25.72 -5.87 -11.81
CA PRO A 185 26.38 -7.05 -11.28
C PRO A 185 26.26 -8.22 -12.25
N ASP A 186 27.39 -8.83 -12.58
CA ASP A 186 27.58 -9.83 -13.66
C ASP A 186 26.72 -11.06 -13.39
N ARG A 187 26.81 -11.58 -12.17
CA ARG A 187 26.09 -12.81 -11.72
C ARG A 187 24.59 -12.60 -11.90
N ASP A 188 24.05 -11.49 -11.40
CA ASP A 188 22.59 -11.22 -11.47
C ASP A 188 22.20 -11.02 -12.94
N LEU A 189 23.04 -10.38 -13.75
CA LEU A 189 22.72 -10.14 -15.19
C LEU A 189 22.78 -11.47 -15.94
N ALA A 190 23.81 -12.27 -15.68
CA ALA A 190 23.98 -13.58 -16.35
C ALA A 190 22.83 -14.49 -15.92
N LEU A 191 22.42 -14.49 -14.66
CA LEU A 191 21.30 -15.40 -14.28
C LEU A 191 20.01 -14.85 -14.90
N ALA A 192 19.81 -13.53 -14.91
CA ALA A 192 18.59 -12.95 -15.54
C ALA A 192 18.58 -13.31 -17.03
N ASP A 193 19.72 -13.10 -17.71
CA ASP A 193 19.82 -13.34 -19.16
C ASP A 193 19.57 -14.83 -19.40
N GLU A 194 20.16 -15.71 -18.61
CA GLU A 194 19.95 -17.18 -18.80
C GLU A 194 18.46 -17.51 -18.64
N ALA A 195 17.83 -17.07 -17.55
CA ALA A 195 16.40 -17.41 -17.31
C ALA A 195 15.56 -16.84 -18.47
N SER A 196 15.91 -15.66 -18.98
CA SER A 196 15.10 -14.95 -20.01
C SER A 196 15.16 -15.69 -21.36
N ARG A 197 16.32 -16.17 -21.78
CA ARG A 197 16.49 -16.94 -23.04
C ARG A 197 15.72 -18.26 -22.93
N ASN A 198 15.76 -18.91 -21.76
CA ASN A 198 15.19 -20.26 -21.54
C ASN A 198 13.67 -20.18 -21.27
N ALA A 199 13.14 -19.01 -20.85
CA ALA A 199 11.70 -18.83 -20.57
C ALA A 199 10.89 -19.17 -21.82
N ASP A 200 9.72 -19.79 -21.69
CA ASP A 200 8.77 -19.83 -22.83
C ASP A 200 7.68 -18.77 -22.62
N LEU A 201 7.65 -18.14 -21.44
CA LEU A 201 6.75 -16.98 -21.17
C LEU A 201 7.48 -15.94 -20.31
N SER A 202 7.58 -14.69 -20.77
CA SER A 202 8.08 -13.56 -19.94
C SER A 202 6.90 -12.61 -19.67
N ILE A 203 6.65 -12.28 -18.42
CA ILE A 203 5.54 -11.34 -18.01
C ILE A 203 6.22 -10.13 -17.36
N THR A 204 5.96 -8.92 -17.84
CA THR A 204 6.58 -7.70 -17.29
C THR A 204 5.51 -6.97 -16.47
N LEU A 205 5.85 -6.51 -15.26
CA LEU A 205 4.87 -5.90 -14.31
C LEU A 205 5.43 -4.54 -13.90
N GLY A 206 4.74 -3.46 -14.28
CA GLY A 206 5.07 -2.11 -13.77
C GLY A 206 6.49 -1.71 -14.12
N THR A 207 7.02 -2.06 -15.30
CA THR A 207 8.24 -1.41 -15.86
C THR A 207 7.94 -0.77 -17.23
N SER A 208 8.51 0.40 -17.51
CA SER A 208 8.41 1.02 -18.85
C SER A 208 9.43 0.40 -19.82
N LEU A 209 10.36 -0.44 -19.33
CA LEU A 209 11.31 -1.24 -20.16
C LEU A 209 12.25 -0.33 -20.96
N GLN A 210 12.55 0.83 -20.42
CA GLN A 210 13.29 1.91 -21.11
C GLN A 210 14.78 1.77 -20.83
N ILE A 211 15.17 0.98 -19.83
CA ILE A 211 16.60 0.88 -19.42
C ILE A 211 17.23 -0.34 -20.10
N ARG A 212 18.42 -0.15 -20.65
CA ARG A 212 19.31 -1.16 -21.25
C ARG A 212 20.25 -1.62 -20.15
N PRO A 213 20.55 -2.92 -20.03
CA PRO A 213 19.85 -3.98 -20.76
C PRO A 213 18.65 -4.61 -20.03
N SER A 214 18.40 -4.20 -18.80
CA SER A 214 17.23 -4.64 -17.99
C SER A 214 15.96 -4.76 -18.83
N GLY A 215 15.57 -3.67 -19.50
CA GLY A 215 14.32 -3.55 -20.28
C GLY A 215 14.34 -4.42 -21.53
N ASN A 216 15.50 -4.87 -22.00
CA ASN A 216 15.59 -5.75 -23.19
C ASN A 216 15.50 -7.23 -22.83
N LEU A 217 15.82 -7.63 -21.59
CA LEU A 217 15.84 -9.07 -21.20
C LEU A 217 14.55 -9.77 -21.58
N PRO A 218 13.34 -9.16 -21.34
CA PRO A 218 12.10 -9.80 -21.74
C PRO A 218 12.04 -10.15 -23.25
N LEU A 219 12.72 -9.39 -24.11
CA LEU A 219 12.70 -9.64 -25.58
C LEU A 219 13.41 -10.96 -25.89
N ALA A 220 14.43 -11.33 -25.11
CA ALA A 220 15.21 -12.58 -25.29
C ALA A 220 14.26 -13.78 -25.31
N THR A 221 13.17 -13.67 -24.54
CA THR A 221 12.13 -14.73 -24.47
C THR A 221 11.51 -14.92 -25.86
N LYS A 222 11.26 -13.86 -26.62
CA LYS A 222 10.63 -13.97 -27.98
C LYS A 222 11.50 -14.81 -28.93
N ARG A 223 12.82 -14.84 -28.76
CA ARG A 223 13.70 -15.74 -29.57
C ARG A 223 13.33 -17.21 -29.29
N ARG A 224 13.28 -18.04 -30.35
CA ARG A 224 12.89 -19.47 -30.33
C ARG A 224 11.43 -19.61 -29.87
N GLY A 225 10.63 -18.55 -30.01
CA GLY A 225 9.16 -18.61 -30.00
C GLY A 225 8.58 -18.46 -28.61
N GLY A 226 9.29 -17.80 -27.68
CA GLY A 226 8.74 -17.50 -26.36
C GLY A 226 7.67 -16.45 -26.50
N ARG A 227 6.72 -16.41 -25.56
CA ARG A 227 5.64 -15.41 -25.54
C ARG A 227 6.00 -14.33 -24.50
N LEU A 228 5.62 -13.08 -24.77
CA LEU A 228 5.90 -11.91 -23.91
C LEU A 228 4.55 -11.31 -23.51
N VAL A 229 4.36 -11.05 -22.22
CA VAL A 229 3.15 -10.34 -21.71
C VAL A 229 3.67 -9.09 -20.99
N ILE A 230 3.10 -7.94 -21.30
CA ILE A 230 3.44 -6.63 -20.69
C ILE A 230 2.22 -6.13 -19.88
N VAL A 231 2.39 -5.98 -18.57
CA VAL A 231 1.34 -5.40 -17.68
C VAL A 231 1.84 -4.02 -17.25
N ASN A 232 1.21 -2.96 -17.72
CA ASN A 232 1.66 -1.57 -17.43
C ASN A 232 0.51 -0.62 -17.74
N LEU A 233 0.37 0.41 -16.93
CA LEU A 233 -0.62 1.50 -17.15
C LEU A 233 -0.21 2.41 -18.32
N GLN A 234 1.08 2.58 -18.56
CA GLN A 234 1.60 3.44 -19.65
C GLN A 234 2.12 2.55 -20.77
N PRO A 235 2.31 3.13 -21.98
CA PRO A 235 3.07 2.46 -23.03
C PRO A 235 4.47 2.12 -22.49
N THR A 236 5.11 1.11 -23.05
CA THR A 236 6.49 0.68 -22.74
C THR A 236 7.30 0.62 -24.03
N LYS A 237 8.63 0.55 -23.90
CA LYS A 237 9.52 0.63 -25.08
C LYS A 237 9.17 -0.50 -26.04
N HIS A 238 8.69 -1.65 -25.56
CA HIS A 238 8.60 -2.87 -26.40
C HIS A 238 7.16 -3.32 -26.61
N ASP A 239 6.17 -2.44 -26.48
CA ASP A 239 4.72 -2.76 -26.68
C ASP A 239 4.51 -3.58 -27.97
N ARG A 240 5.26 -3.32 -29.04
CA ARG A 240 5.01 -3.92 -30.38
C ARG A 240 5.40 -5.40 -30.39
N HIS A 241 6.27 -5.84 -29.47
CA HIS A 241 6.80 -7.22 -29.44
C HIS A 241 5.95 -8.11 -28.55
N ALA A 242 4.97 -7.54 -27.81
CA ALA A 242 4.17 -8.28 -26.82
C ALA A 242 3.08 -9.08 -27.52
N ASP A 243 2.82 -10.30 -27.05
CA ASP A 243 1.69 -11.13 -27.55
C ASP A 243 0.42 -10.68 -26.82
N LEU A 244 0.57 -9.97 -25.70
CA LEU A 244 -0.56 -9.52 -24.85
C LEU A 244 -0.03 -8.33 -24.02
N ARG A 245 -0.74 -7.23 -24.05
CA ARG A 245 -0.46 -6.01 -23.27
C ARG A 245 -1.70 -5.83 -22.41
N ILE A 246 -1.54 -5.76 -21.09
CA ILE A 246 -2.67 -5.48 -20.16
C ILE A 246 -2.44 -4.10 -19.55
N HIS A 247 -3.34 -3.16 -19.85
CA HIS A 247 -3.31 -1.78 -19.31
C HIS A 247 -4.26 -1.74 -18.11
N GLY A 248 -3.68 -1.90 -16.93
CA GLY A 248 -4.40 -1.86 -15.65
C GLY A 248 -3.46 -1.89 -14.47
N TYR A 249 -4.03 -1.64 -13.29
CA TYR A 249 -3.37 -1.75 -11.97
C TYR A 249 -2.88 -3.19 -11.77
N VAL A 250 -1.61 -3.36 -11.40
CA VAL A 250 -0.97 -4.71 -11.33
C VAL A 250 -1.64 -5.51 -10.21
N ASP A 251 -2.05 -4.84 -9.14
CA ASP A 251 -2.73 -5.50 -8.00
C ASP A 251 -4.03 -6.15 -8.50
N GLU A 252 -4.75 -5.50 -9.41
CA GLU A 252 -6.05 -6.00 -9.92
C GLU A 252 -5.78 -7.17 -10.88
N VAL A 253 -4.91 -6.96 -11.85
CA VAL A 253 -4.44 -8.07 -12.74
C VAL A 253 -3.98 -9.27 -11.88
N MET A 254 -3.09 -9.09 -10.91
CA MET A 254 -2.50 -10.26 -10.22
C MET A 254 -3.52 -10.95 -9.29
N THR A 255 -4.43 -10.21 -8.66
CA THR A 255 -5.46 -10.83 -7.79
C THR A 255 -6.44 -11.60 -8.66
N ARG A 256 -6.84 -11.08 -9.82
CA ARG A 256 -7.68 -11.88 -10.75
C ARG A 256 -6.89 -13.09 -11.25
N LEU A 257 -5.63 -12.91 -11.62
CA LEU A 257 -4.86 -14.05 -12.19
C LEU A 257 -4.82 -15.17 -11.13
N MET A 258 -4.54 -14.81 -9.88
CA MET A 258 -4.38 -15.79 -8.79
C MET A 258 -5.73 -16.49 -8.57
N LYS A 259 -6.84 -15.77 -8.67
CA LYS A 259 -8.19 -16.37 -8.59
C LYS A 259 -8.36 -17.40 -9.72
N HIS A 260 -8.03 -17.09 -10.98
CA HIS A 260 -8.20 -18.09 -12.08
C HIS A 260 -7.31 -19.31 -11.81
N LEU A 261 -6.12 -19.10 -11.25
CA LEU A 261 -5.14 -20.19 -11.01
C LEU A 261 -5.56 -21.01 -9.79
N GLY A 262 -6.52 -20.55 -8.96
CA GLY A 262 -6.97 -21.29 -7.77
C GLY A 262 -5.98 -21.17 -6.62
N LEU A 263 -5.23 -20.07 -6.58
CA LEU A 263 -4.16 -19.83 -5.58
C LEU A 263 -4.55 -18.65 -4.70
N GLU A 264 -4.28 -18.79 -3.41
CA GLU A 264 -4.44 -17.72 -2.42
C GLU A 264 -3.12 -16.94 -2.40
N ILE A 265 -3.26 -15.69 -2.06
CA ILE A 265 -2.13 -14.74 -1.87
C ILE A 265 -1.77 -14.82 -0.39
N PRO A 266 -0.59 -15.35 -0.06
CA PRO A 266 -0.25 -15.62 1.33
C PRO A 266 -0.04 -14.32 2.12
N ALA A 267 -0.32 -14.40 3.42
CA ALA A 267 -0.07 -13.38 4.46
C ALA A 267 1.43 -13.02 4.47
N TRP A 268 1.76 -11.77 4.78
CA TRP A 268 3.15 -11.30 5.00
C TRP A 268 3.38 -11.23 6.50
N ASP A 269 4.40 -11.94 6.98
CA ASP A 269 4.70 -12.10 8.43
C ASP A 269 5.47 -10.89 8.96
N GLY A 270 5.68 -9.84 8.14
CA GLY A 270 6.73 -8.82 8.36
C GLY A 270 8.04 -9.22 7.70
N PRO A 271 9.10 -8.39 7.79
CA PRO A 271 10.29 -8.57 6.96
C PRO A 271 11.07 -9.87 7.19
N ARG A 272 11.26 -10.66 6.15
CA ARG A 272 11.97 -11.96 6.28
C ARG A 272 12.88 -12.19 5.07
N VAL A 273 14.06 -12.77 5.29
CA VAL A 273 15.09 -13.08 4.26
C VAL A 273 15.11 -14.59 4.10
N LEU A 274 14.76 -15.07 2.91
CA LEU A 274 14.93 -16.46 2.50
C LEU A 274 16.06 -16.53 1.46
N GLU A 275 17.16 -17.20 1.77
CA GLU A 275 18.32 -17.33 0.82
C GLU A 275 17.93 -18.27 -0.31
N ARG A 276 17.33 -19.43 -0.02
CA ARG A 276 17.21 -20.53 -1.01
C ARG A 276 15.76 -20.99 -1.11
N ALA A 277 15.31 -21.19 -2.35
CA ALA A 277 14.01 -21.77 -2.76
C ALA A 277 13.89 -23.19 -2.22
N LEU A 278 12.68 -23.63 -1.85
CA LEU A 278 12.33 -25.04 -1.49
C LEU A 278 11.77 -25.78 -2.70
N PRO A 279 11.61 -27.13 -2.68
CA PRO A 279 10.83 -27.82 -3.70
C PRO A 279 9.43 -27.22 -3.73
N PRO A 280 8.73 -27.29 -4.89
CA PRO A 280 7.41 -26.68 -4.99
C PRO A 280 6.37 -27.29 -4.03
N LEU A 281 5.47 -26.45 -3.52
CA LEU A 281 4.25 -26.91 -2.81
C LEU A 281 3.27 -27.49 -3.82
N PRO A 282 2.26 -28.27 -3.36
CA PRO A 282 1.17 -28.73 -4.21
C PRO A 282 0.49 -27.56 -4.94
N ARG A 283 -0.02 -27.77 -6.16
CA ARG A 283 -0.83 -26.77 -6.87
C ARG A 283 -2.03 -27.42 -7.54
N PRO A 284 -3.07 -26.63 -7.87
CA PRO A 284 -4.27 -27.18 -8.51
C PRO A 284 -3.88 -27.90 -9.78
N PRO A 285 -4.66 -28.90 -10.21
CA PRO A 285 -4.44 -29.50 -11.52
C PRO A 285 -4.92 -28.49 -12.58
N THR A 286 -4.38 -28.65 -13.78
CA THR A 286 -4.47 -27.72 -14.94
C THR A 286 -5.79 -27.90 -15.69
N PRO A 287 -6.44 -26.83 -16.17
CA PRO A 287 -7.57 -26.99 -17.08
C PRO A 287 -7.17 -27.61 -18.41
N LYS A 288 -8.12 -28.28 -19.03
CA LYS A 288 -8.06 -28.65 -20.46
C LYS A 288 -8.12 -27.36 -21.27
N LEU A 289 -7.16 -27.18 -22.18
CA LEU A 289 -7.08 -26.03 -23.10
C LEU A 289 -7.15 -26.56 -24.55
N GLU A 290 -8.28 -26.31 -25.22
CA GLU A 290 -8.54 -26.53 -26.68
C GLU A 290 -9.98 -26.12 -26.97
N ALA B 5 -16.99 25.82 -2.74
CA ALA B 5 -16.74 24.86 -1.62
C ALA B 5 -15.52 25.32 -0.82
N ASP B 6 -15.66 25.51 0.50
CA ASP B 6 -14.53 25.85 1.39
C ASP B 6 -13.64 24.61 1.53
N LYS B 7 -12.43 24.64 0.94
CA LYS B 7 -11.50 23.48 0.90
C LYS B 7 -10.35 23.74 1.87
N GLY B 8 -10.40 24.85 2.61
CA GLY B 8 -9.49 25.20 3.73
C GLY B 8 -8.07 25.36 3.27
N LYS B 9 -7.11 25.09 4.17
CA LYS B 9 -5.65 25.22 3.89
C LYS B 9 -5.11 23.90 3.32
N CYS B 10 -4.68 23.92 2.06
CA CYS B 10 -4.19 22.76 1.27
C CYS B 10 -2.70 22.93 1.00
N GLY B 11 -1.93 21.84 1.08
CA GLY B 11 -0.51 21.78 0.65
C GLY B 11 0.46 22.43 1.62
N LEU B 12 0.10 22.58 2.90
CA LEU B 12 1.04 22.96 3.99
C LEU B 12 2.26 22.05 3.97
N PRO B 13 3.42 22.51 4.45
CA PRO B 13 4.64 21.71 4.39
C PRO B 13 4.50 20.59 5.42
N GLU B 14 5.09 19.44 5.11
CA GLU B 14 5.13 18.30 6.06
C GLU B 14 6.14 18.57 7.17
N ILE B 15 5.88 18.02 8.35
CA ILE B 15 6.81 17.96 9.51
C ILE B 15 7.18 16.48 9.72
N PHE B 16 8.47 16.23 9.93
CA PHE B 16 8.99 14.89 10.32
C PHE B 16 9.75 15.03 11.64
N ASP B 17 9.20 14.46 12.72
CA ASP B 17 9.93 14.29 14.01
C ASP B 17 11.18 13.46 13.73
N PRO B 18 12.37 13.85 14.22
CA PRO B 18 13.57 13.03 14.04
C PRO B 18 13.45 11.78 14.92
N PRO B 19 14.17 10.70 14.52
CA PRO B 19 13.95 9.36 15.05
C PRO B 19 13.84 9.20 16.57
N GLU B 20 14.74 9.83 17.35
CA GLU B 20 14.79 9.69 18.83
C GLU B 20 13.55 10.35 19.43
N GLU B 21 13.13 11.51 18.91
CA GLU B 21 11.92 12.20 19.39
C GLU B 21 10.71 11.33 19.00
N LEU B 22 10.70 10.84 17.76
CA LEU B 22 9.61 9.97 17.25
C LEU B 22 9.44 8.75 18.16
N GLU B 23 10.53 8.01 18.39
CA GLU B 23 10.50 6.80 19.27
C GLU B 23 9.95 7.16 20.65
N ARG B 24 10.36 8.30 21.21
CA ARG B 24 9.97 8.70 22.58
C ARG B 24 8.48 9.09 22.62
N LYS B 25 7.95 9.72 21.57
CA LYS B 25 6.51 10.10 21.57
C LYS B 25 5.62 8.85 21.49
N VAL B 26 6.04 7.84 20.73
CA VAL B 26 5.21 6.61 20.55
C VAL B 26 5.16 5.87 21.89
N TRP B 27 6.24 5.88 22.67
CA TRP B 27 6.27 5.29 24.04
C TRP B 27 5.28 6.05 24.93
N GLU B 28 5.19 7.36 24.78
CA GLU B 28 4.25 8.20 25.55
C GLU B 28 2.81 7.87 25.10
N LEU B 29 2.58 7.64 23.80
CA LEU B 29 1.26 7.23 23.28
C LEU B 29 0.87 5.88 23.92
N ALA B 30 1.79 4.91 23.90
CA ALA B 30 1.66 3.59 24.57
C ALA B 30 1.19 3.80 26.01
N ARG B 31 1.90 4.66 26.76
CA ARG B 31 1.59 4.97 28.17
C ARG B 31 0.14 5.43 28.31
N LEU B 32 -0.33 6.29 27.41
CA LEU B 32 -1.69 6.88 27.49
C LEU B 32 -2.74 5.82 27.15
N VAL B 33 -2.44 4.94 26.21
CA VAL B 33 -3.37 3.83 25.87
C VAL B 33 -3.47 2.95 27.11
N TRP B 34 -2.34 2.59 27.72
CA TRP B 34 -2.33 1.73 28.94
C TRP B 34 -3.16 2.39 30.07
N GLN B 35 -3.00 3.69 30.26
CA GLN B 35 -3.62 4.43 31.39
C GLN B 35 -5.09 4.75 31.17
N SER B 36 -5.59 4.62 29.93
CA SER B 36 -6.94 5.10 29.50
C SER B 36 -7.95 3.96 29.62
N SER B 37 -9.20 4.27 29.99
CA SER B 37 -10.31 3.28 30.06
C SER B 37 -11.20 3.34 28.82
N SER B 38 -11.25 4.48 28.11
CA SER B 38 -12.10 4.68 26.92
C SER B 38 -11.30 5.42 25.85
N VAL B 39 -10.84 4.70 24.81
CA VAL B 39 -9.96 5.23 23.74
C VAL B 39 -10.78 5.28 22.45
N VAL B 40 -10.86 6.46 21.85
CA VAL B 40 -11.57 6.67 20.57
C VAL B 40 -10.54 7.15 19.54
N PHE B 41 -10.61 6.58 18.35
CA PHE B 41 -9.74 6.94 17.21
C PHE B 41 -10.60 7.69 16.20
N HIS B 42 -10.01 8.73 15.62
CA HIS B 42 -10.60 9.54 14.53
C HIS B 42 -9.68 9.41 13.32
N THR B 43 -10.18 8.89 12.20
CA THR B 43 -9.30 8.67 11.03
C THR B 43 -9.76 9.53 9.86
N GLY B 44 -8.80 9.93 9.05
CA GLY B 44 -9.04 10.58 7.78
C GLY B 44 -8.10 10.02 6.76
N ALA B 45 -8.01 10.73 5.65
CA ALA B 45 -7.56 10.17 4.35
C ALA B 45 -6.08 9.80 4.43
N GLY B 46 -5.33 10.39 5.37
CA GLY B 46 -3.90 10.07 5.62
C GLY B 46 -3.66 8.61 5.95
N ILE B 47 -4.63 7.88 6.50
CA ILE B 47 -4.38 6.46 6.83
C ILE B 47 -4.55 5.55 5.61
N SER B 48 -4.94 6.08 4.45
CA SER B 48 -5.20 5.31 3.21
C SER B 48 -4.15 5.67 2.15
N THR B 49 -3.27 6.66 2.37
CA THR B 49 -2.32 7.12 1.32
C THR B 49 -1.31 5.99 1.04
N ALA B 50 -0.93 5.21 2.06
CA ALA B 50 0.03 4.09 1.96
C ALA B 50 -0.56 2.89 1.20
N SER B 51 -1.85 2.87 0.87
CA SER B 51 -2.43 1.82 -0.01
C SER B 51 -2.79 2.39 -1.38
N GLY B 52 -2.35 3.61 -1.70
CA GLY B 52 -2.41 4.16 -3.07
C GLY B 52 -3.59 5.11 -3.29
N ILE B 53 -4.35 5.45 -2.25
CA ILE B 53 -5.49 6.43 -2.34
C ILE B 53 -4.96 7.79 -1.93
N PRO B 54 -5.00 8.82 -2.80
CA PRO B 54 -4.49 10.13 -2.43
C PRO B 54 -5.40 10.75 -1.36
N ASP B 55 -4.86 11.63 -0.54
CA ASP B 55 -5.61 12.44 0.46
C ASP B 55 -6.18 13.68 -0.26
N PHE B 56 -6.75 14.63 0.49
CA PHE B 56 -7.36 15.87 -0.06
C PHE B 56 -6.37 17.05 -0.02
N ARG B 57 -5.66 17.28 1.10
CA ARG B 57 -4.95 18.54 1.43
C ARG B 57 -3.43 18.31 1.58
N GLY B 58 -2.94 17.09 1.39
CA GLY B 58 -1.50 16.76 1.43
C GLY B 58 -0.78 17.26 0.18
N PRO B 59 0.56 17.19 0.11
CA PRO B 59 1.31 17.72 -1.03
C PRO B 59 0.71 17.36 -2.40
N HIS B 60 0.34 16.09 -2.60
CA HIS B 60 -0.31 15.59 -3.83
C HIS B 60 -1.79 15.29 -3.56
N GLY B 61 -2.38 15.93 -2.57
CA GLY B 61 -3.82 15.77 -2.28
C GLY B 61 -4.73 16.17 -3.44
N VAL B 62 -5.95 15.63 -3.44
CA VAL B 62 -7.03 15.95 -4.42
C VAL B 62 -7.14 17.48 -4.56
N TRP B 63 -7.40 18.21 -3.48
CA TRP B 63 -7.63 19.68 -3.51
C TRP B 63 -6.31 20.36 -3.90
N THR B 64 -5.21 19.99 -3.25
CA THR B 64 -3.87 20.58 -3.48
C THR B 64 -3.53 20.52 -4.97
N MET B 65 -3.81 19.42 -5.65
CA MET B 65 -3.44 19.28 -7.09
C MET B 65 -4.42 20.11 -7.92
N GLU B 66 -5.70 20.12 -7.57
CA GLU B 66 -6.72 20.88 -8.35
C GLU B 66 -6.43 22.39 -8.23
N GLU B 67 -5.99 22.88 -7.07
CA GLU B 67 -5.54 24.28 -6.84
C GLU B 67 -4.40 24.64 -7.81
N ARG B 68 -3.54 23.68 -8.16
CA ARG B 68 -2.37 23.87 -9.07
C ARG B 68 -2.70 23.40 -10.50
N GLY B 69 -3.96 23.11 -10.82
CA GLY B 69 -4.37 22.63 -12.15
C GLY B 69 -3.87 21.22 -12.50
N LEU B 70 -3.52 20.42 -11.50
CA LEU B 70 -3.02 19.03 -11.70
C LEU B 70 -4.11 18.07 -11.24
N ALA B 71 -3.90 16.77 -11.43
CA ALA B 71 -4.86 15.70 -11.08
C ALA B 71 -4.38 15.00 -9.81
N PRO B 72 -5.30 14.43 -9.00
CA PRO B 72 -4.89 13.47 -7.99
C PRO B 72 -4.53 12.18 -8.75
N LYS B 73 -3.58 11.44 -8.19
CA LYS B 73 -3.19 10.13 -8.78
C LYS B 73 -3.59 9.01 -7.79
N PHE B 74 -4.24 7.99 -8.33
CA PHE B 74 -4.61 6.70 -7.70
C PHE B 74 -3.56 5.69 -8.15
N ASP B 75 -2.96 4.93 -7.23
CA ASP B 75 -2.06 3.78 -7.57
C ASP B 75 -2.85 2.47 -7.44
N THR B 76 -4.16 2.57 -7.18
CA THR B 76 -5.08 1.42 -7.00
C THR B 76 -6.50 1.87 -7.36
N THR B 77 -7.43 0.95 -7.56
CA THR B 77 -8.89 1.25 -7.57
C THR B 77 -9.40 1.06 -6.14
N PHE B 78 -10.60 1.55 -5.86
CA PHE B 78 -11.24 1.40 -4.54
C PHE B 78 -11.44 -0.08 -4.22
N GLU B 79 -11.82 -0.85 -5.24
CA GLU B 79 -12.09 -2.30 -5.14
C GLU B 79 -10.81 -3.10 -4.87
N SER B 80 -9.67 -2.78 -5.51
CA SER B 80 -8.39 -3.54 -5.35
C SER B 80 -7.54 -2.98 -4.20
N ALA B 81 -7.94 -1.87 -3.59
CA ALA B 81 -7.18 -1.28 -2.47
C ALA B 81 -7.17 -2.26 -1.30
N ARG B 82 -6.00 -2.38 -0.65
CA ARG B 82 -5.90 -3.20 0.58
C ARG B 82 -5.78 -2.25 1.77
N PRO B 83 -6.44 -2.60 2.88
CA PRO B 83 -6.22 -1.91 4.14
C PRO B 83 -4.74 -1.89 4.49
N THR B 84 -4.30 -0.77 5.04
CA THR B 84 -2.92 -0.54 5.49
C THR B 84 -2.72 -1.29 6.80
N GLN B 85 -1.46 -1.44 7.17
CA GLN B 85 -1.03 -1.82 8.54
C GLN B 85 -1.86 -1.01 9.60
N THR B 86 -2.08 0.30 9.43
CA THR B 86 -2.85 1.13 10.40
C THR B 86 -4.27 0.60 10.50
N HIS B 87 -4.93 0.34 9.37
CA HIS B 87 -6.30 -0.23 9.33
C HIS B 87 -6.35 -1.51 10.15
N MET B 88 -5.39 -2.39 9.92
CA MET B 88 -5.38 -3.72 10.54
C MET B 88 -4.99 -3.58 12.01
N ALA B 89 -4.15 -2.60 12.37
CA ALA B 89 -3.82 -2.38 13.79
C ALA B 89 -5.10 -1.91 14.52
N LEU B 90 -6.00 -1.16 13.86
CA LEU B 90 -7.24 -0.66 14.50
C LEU B 90 -8.18 -1.84 14.73
N VAL B 91 -8.22 -2.80 13.78
CA VAL B 91 -9.02 -4.04 13.89
C VAL B 91 -8.61 -4.75 15.19
N GLN B 92 -7.31 -5.01 15.34
CA GLN B 92 -6.75 -5.73 16.51
C GLN B 92 -6.96 -4.94 17.80
N LEU B 93 -6.73 -3.63 17.80
CA LEU B 93 -6.96 -2.84 19.03
C LEU B 93 -8.42 -3.00 19.45
N GLU B 94 -9.38 -2.97 18.53
CA GLU B 94 -10.82 -3.19 18.90
C GLU B 94 -11.01 -4.64 19.42
N ARG B 95 -10.36 -5.63 18.79
CA ARG B 95 -10.61 -7.05 19.20
C ARG B 95 -10.10 -7.31 20.61
N VAL B 96 -9.08 -6.59 21.08
CA VAL B 96 -8.52 -6.87 22.43
C VAL B 96 -9.08 -5.86 23.44
N GLY B 97 -10.08 -5.07 23.04
CA GLY B 97 -10.84 -4.17 23.93
C GLY B 97 -10.07 -2.92 24.32
N LEU B 98 -9.08 -2.48 23.53
CA LEU B 98 -8.31 -1.23 23.85
C LEU B 98 -8.86 -0.03 23.08
N LEU B 99 -9.71 -0.26 22.08
CA LEU B 99 -10.36 0.80 21.28
C LEU B 99 -11.86 0.73 21.56
N ARG B 100 -12.46 1.81 22.08
CA ARG B 100 -13.92 1.86 22.38
C ARG B 100 -14.68 2.15 21.10
N PHE B 101 -14.24 3.12 20.30
CA PHE B 101 -15.02 3.56 19.13
C PHE B 101 -14.08 4.07 18.05
N LEU B 102 -14.53 4.00 16.81
CA LEU B 102 -13.73 4.49 15.67
C LEU B 102 -14.60 5.49 14.93
N VAL B 103 -14.11 6.72 14.74
CA VAL B 103 -14.81 7.77 13.98
C VAL B 103 -14.02 8.09 12.72
N SER B 104 -14.57 7.84 11.54
CA SER B 104 -13.87 8.05 10.25
C SER B 104 -14.60 8.99 9.30
N GLN B 105 -13.85 9.91 8.70
CA GLN B 105 -14.29 10.81 7.59
C GLN B 105 -14.10 10.17 6.22
N ASN B 106 -13.51 8.98 6.15
CA ASN B 106 -13.16 8.35 4.86
C ASN B 106 -14.38 7.66 4.28
N VAL B 107 -14.60 7.86 2.99
CA VAL B 107 -15.62 7.19 2.14
C VAL B 107 -15.03 5.97 1.41
N ASP B 108 -13.76 5.63 1.68
CA ASP B 108 -13.01 4.60 0.91
C ASP B 108 -13.45 3.17 1.27
N GLY B 109 -14.30 2.95 2.26
CA GLY B 109 -14.85 1.59 2.53
C GLY B 109 -13.85 0.63 3.18
N LEU B 110 -12.61 1.05 3.47
CA LEU B 110 -11.54 0.09 3.87
C LEU B 110 -11.74 -0.38 5.32
N HIS B 111 -12.22 0.46 6.23
CA HIS B 111 -12.44 0.06 7.64
C HIS B 111 -13.41 -1.11 7.64
N VAL B 112 -14.55 -0.97 6.94
CA VAL B 112 -15.55 -2.07 6.87
C VAL B 112 -14.87 -3.26 6.22
N ARG B 113 -14.19 -3.06 5.08
CA ARG B 113 -13.65 -4.20 4.30
C ARG B 113 -12.49 -4.87 5.07
N SER B 114 -11.84 -4.12 5.97
CA SER B 114 -10.78 -4.63 6.89
C SER B 114 -11.33 -5.65 7.91
N GLY B 115 -12.66 -5.71 8.13
CA GLY B 115 -13.29 -6.65 9.09
C GLY B 115 -13.68 -5.94 10.39
N PHE B 116 -13.57 -4.62 10.42
CA PHE B 116 -13.78 -3.81 11.64
C PHE B 116 -15.27 -3.83 11.96
N PRO B 117 -15.69 -4.06 13.22
CA PRO B 117 -17.12 -4.09 13.55
C PRO B 117 -17.87 -2.77 13.27
N ARG B 118 -18.82 -2.83 12.35
CA ARG B 118 -19.67 -1.66 11.99
C ARG B 118 -20.38 -1.04 13.21
N ASP B 119 -20.76 -1.82 14.21
CA ASP B 119 -21.45 -1.21 15.39
C ASP B 119 -20.42 -0.45 16.25
N LYS B 120 -19.13 -0.43 15.91
CA LYS B 120 -18.16 0.42 16.67
C LYS B 120 -17.56 1.51 15.77
N LEU B 121 -18.13 1.73 14.60
CA LEU B 121 -17.60 2.62 13.55
C LEU B 121 -18.63 3.68 13.16
N ALA B 122 -18.22 4.96 13.07
CA ALA B 122 -19.04 6.05 12.50
C ALA B 122 -18.38 6.52 11.22
N GLU B 123 -19.05 6.29 10.10
CA GLU B 123 -18.57 6.74 8.79
C GLU B 123 -19.28 8.06 8.51
N LEU B 124 -18.68 9.16 8.94
CA LEU B 124 -19.34 10.48 8.99
C LEU B 124 -19.71 10.97 7.59
N HIS B 125 -18.94 10.59 6.55
CA HIS B 125 -19.09 11.16 5.18
C HIS B 125 -19.63 10.10 4.24
N GLY B 126 -20.02 8.93 4.77
CA GLY B 126 -20.62 7.84 4.00
C GLY B 126 -19.53 6.84 3.54
N ASN B 127 -19.96 5.83 2.79
CA ASN B 127 -19.15 4.68 2.35
C ASN B 127 -19.49 4.45 0.89
N MET B 128 -18.49 4.45 0.01
CA MET B 128 -18.72 4.32 -1.46
C MET B 128 -19.27 2.96 -1.85
N PHE B 129 -19.09 1.95 -1.00
CA PHE B 129 -19.59 0.57 -1.22
C PHE B 129 -21.02 0.40 -0.65
N VAL B 130 -21.54 1.38 0.08
CA VAL B 130 -22.81 1.20 0.85
C VAL B 130 -23.93 1.97 0.14
N GLU B 131 -25.00 1.26 -0.20
CA GLU B 131 -26.26 1.91 -0.64
C GLU B 131 -27.34 1.58 0.39
N GLU B 132 -28.36 2.43 0.45
CA GLU B 132 -29.34 2.45 1.58
C GLU B 132 -30.74 2.69 1.03
N CYS B 133 -31.70 1.85 1.43
CA CYS B 133 -33.12 1.96 1.03
C CYS B 133 -33.69 3.28 1.55
N ALA B 134 -34.08 4.18 0.64
CA ALA B 134 -34.82 5.42 0.96
C ALA B 134 -35.91 5.14 2.00
N LYS B 135 -36.73 4.08 1.83
CA LYS B 135 -37.93 3.88 2.71
C LYS B 135 -37.53 3.17 4.00
N CYS B 136 -37.08 1.91 3.94
CA CYS B 136 -36.92 1.10 5.17
C CYS B 136 -35.56 1.36 5.84
N LYS B 137 -34.68 2.14 5.19
CA LYS B 137 -33.33 2.55 5.70
C LYS B 137 -32.38 1.34 5.80
N THR B 138 -32.66 0.22 5.11
CA THR B 138 -31.77 -0.96 5.12
C THR B 138 -30.53 -0.66 4.27
N GLN B 139 -29.35 -0.88 4.85
CA GLN B 139 -28.05 -0.66 4.14
C GLN B 139 -27.62 -1.98 3.51
N TYR B 140 -26.96 -1.88 2.35
CA TYR B 140 -26.29 -3.02 1.69
C TYR B 140 -24.82 -2.62 1.54
N VAL B 141 -23.90 -3.45 2.04
CA VAL B 141 -22.44 -3.29 1.78
C VAL B 141 -22.12 -4.10 0.52
N ARG B 142 -21.88 -3.41 -0.60
CA ARG B 142 -21.61 -4.04 -1.93
C ARG B 142 -20.12 -4.36 -2.08
N ASP B 143 -19.80 -5.27 -3.01
CA ASP B 143 -18.43 -5.73 -3.34
C ASP B 143 -17.75 -4.78 -4.31
N THR B 144 -18.50 -3.90 -5.00
CA THR B 144 -17.95 -2.85 -5.89
C THR B 144 -18.56 -1.51 -5.49
N VAL B 145 -17.92 -0.38 -5.82
CA VAL B 145 -18.43 1.00 -5.53
C VAL B 145 -19.82 1.19 -6.16
N VAL B 146 -20.76 1.89 -5.52
CA VAL B 146 -22.22 1.75 -5.86
C VAL B 146 -22.54 2.45 -7.20
N GLY B 147 -21.90 3.59 -7.48
CA GLY B 147 -21.87 4.19 -8.83
C GLY B 147 -22.16 5.68 -8.83
N THR B 148 -22.84 6.21 -7.82
CA THR B 148 -23.25 7.63 -7.74
C THR B 148 -22.71 8.28 -6.47
N MET B 149 -22.63 9.62 -6.45
CA MET B 149 -22.30 10.38 -5.24
C MET B 149 -23.40 11.42 -5.01
N GLY B 150 -23.69 11.78 -3.75
CA GLY B 150 -24.57 12.90 -3.40
C GLY B 150 -25.99 12.46 -3.03
N LEU B 151 -26.15 11.21 -2.57
CA LEU B 151 -27.41 10.59 -2.03
C LEU B 151 -28.45 10.46 -3.16
N LYS B 152 -27.98 10.14 -4.37
CA LYS B 152 -28.83 9.95 -5.57
C LYS B 152 -29.26 8.49 -5.70
N ALA B 153 -30.16 8.22 -6.63
CA ALA B 153 -30.68 6.87 -6.96
C ALA B 153 -29.59 6.09 -7.70
N THR B 154 -29.28 4.88 -7.22
CA THR B 154 -28.19 4.04 -7.79
C THR B 154 -28.73 3.35 -9.04
N GLY B 155 -30.04 3.05 -9.02
CA GLY B 155 -30.78 2.25 -10.01
C GLY B 155 -31.39 1.01 -9.37
N ARG B 156 -30.84 0.52 -8.26
CA ARG B 156 -31.22 -0.80 -7.69
C ARG B 156 -32.37 -0.56 -6.70
N LEU B 157 -33.09 -1.62 -6.37
CA LEU B 157 -34.27 -1.59 -5.46
C LEU B 157 -34.03 -2.51 -4.26
N CYS B 158 -34.62 -2.18 -3.12
CA CYS B 158 -34.55 -2.94 -1.84
C CYS B 158 -35.10 -4.35 -2.06
N THR B 159 -34.59 -5.34 -1.32
CA THR B 159 -34.95 -6.78 -1.45
C THR B 159 -35.51 -7.31 -0.12
N VAL B 160 -35.71 -6.47 0.90
CA VAL B 160 -36.17 -6.94 2.24
C VAL B 160 -37.63 -7.40 2.13
N ALA B 161 -37.98 -8.51 2.78
CA ALA B 161 -39.33 -9.12 2.84
C ALA B 161 -39.60 -9.57 4.27
N CYS B 169 -40.48 -5.11 -0.63
CA CYS B 169 -40.44 -3.66 -0.23
C CYS B 169 -40.16 -2.79 -1.46
N ARG B 170 -39.16 -3.18 -2.27
CA ARG B 170 -38.81 -2.57 -3.59
C ARG B 170 -38.55 -1.06 -3.46
N GLY B 171 -38.09 -0.61 -2.30
CA GLY B 171 -37.61 0.77 -2.06
C GLY B 171 -36.45 1.16 -2.96
N GLU B 172 -36.31 2.45 -3.26
CA GLU B 172 -35.24 3.06 -4.08
C GLU B 172 -33.93 3.04 -3.27
N LEU B 173 -32.86 2.42 -3.80
CA LEU B 173 -31.52 2.39 -3.14
C LEU B 173 -30.77 3.63 -3.60
N ARG B 174 -30.17 4.34 -2.65
CA ARG B 174 -29.36 5.57 -2.92
C ARG B 174 -27.94 5.36 -2.37
N ASP B 175 -26.95 6.05 -2.94
CA ASP B 175 -25.56 6.05 -2.41
C ASP B 175 -25.59 6.74 -1.05
N THR B 176 -24.50 6.69 -0.28
CA THR B 176 -24.42 7.29 1.08
C THR B 176 -23.38 8.42 1.11
N ILE B 177 -22.89 8.85 -0.04
CA ILE B 177 -21.81 9.88 -0.13
C ILE B 177 -22.43 11.27 0.00
N LEU B 178 -22.17 11.97 1.11
CA LEU B 178 -22.63 13.37 1.34
C LEU B 178 -22.00 14.26 0.26
N ASP B 179 -22.81 15.10 -0.41
CA ASP B 179 -22.34 16.27 -1.21
C ASP B 179 -22.02 17.42 -0.26
N TRP B 180 -21.41 18.50 -0.77
CA TRP B 180 -20.89 19.64 0.03
C TRP B 180 -21.94 20.16 1.03
N GLU B 181 -23.20 20.27 0.60
CA GLU B 181 -24.26 20.93 1.39
C GLU B 181 -25.05 19.91 2.21
N ASP B 182 -24.78 18.61 2.05
CA ASP B 182 -25.57 17.52 2.70
C ASP B 182 -25.15 17.40 4.18
N SER B 183 -26.15 17.40 5.08
CA SER B 183 -25.95 17.19 6.54
C SER B 183 -25.48 15.76 6.84
N LEU B 184 -24.67 15.62 7.90
CA LEU B 184 -24.11 14.34 8.42
C LEU B 184 -25.22 13.42 8.91
N PRO B 185 -25.14 12.09 8.68
CA PRO B 185 -26.15 11.17 9.21
C PRO B 185 -26.21 11.27 10.73
N ASP B 186 -27.42 11.51 11.28
CA ASP B 186 -27.62 11.87 12.71
C ASP B 186 -27.15 10.72 13.61
N ARG B 187 -27.51 9.47 13.32
CA ARG B 187 -27.13 8.27 14.11
C ARG B 187 -25.61 8.16 14.23
N ASP B 188 -24.90 8.23 13.10
CA ASP B 188 -23.41 8.10 13.10
C ASP B 188 -22.80 9.31 13.82
N LEU B 189 -23.37 10.51 13.65
CA LEU B 189 -22.83 11.74 14.29
C LEU B 189 -23.10 11.68 15.79
N ALA B 190 -24.29 11.25 16.18
CA ALA B 190 -24.67 11.11 17.60
C ALA B 190 -23.80 10.04 18.23
N LEU B 191 -23.53 8.93 17.55
CA LEU B 191 -22.69 7.86 18.17
C LEU B 191 -21.28 8.41 18.30
N ALA B 192 -20.77 9.09 17.26
CA ALA B 192 -19.41 9.69 17.28
C ALA B 192 -19.35 10.71 18.42
N ASP B 193 -20.33 11.62 18.48
CA ASP B 193 -20.31 12.70 19.49
C ASP B 193 -20.35 12.05 20.88
N GLU B 194 -21.21 11.05 21.06
CA GLU B 194 -21.31 10.36 22.38
C GLU B 194 -19.96 9.72 22.76
N ALA B 195 -19.37 8.95 21.87
CA ALA B 195 -18.08 8.26 22.18
C ALA B 195 -17.02 9.33 22.49
N SER B 196 -17.04 10.46 21.78
CA SER B 196 -15.97 11.49 21.88
C SER B 196 -16.04 12.19 23.25
N ARG B 197 -17.25 12.51 23.74
CA ARG B 197 -17.47 13.15 25.06
C ARG B 197 -17.03 12.18 26.16
N ASN B 198 -17.31 10.89 26.00
CA ASN B 198 -17.07 9.85 27.05
C ASN B 198 -15.62 9.36 27.01
N ALA B 199 -14.89 9.55 25.91
CA ALA B 199 -13.49 9.09 25.77
C ALA B 199 -12.63 9.75 26.85
N ASP B 200 -11.66 9.05 27.44
CA ASP B 200 -10.61 9.74 28.25
C ASP B 200 -9.35 9.91 27.39
N LEU B 201 -9.30 9.29 26.21
CA LEU B 201 -8.21 9.54 25.22
C LEU B 201 -8.78 9.55 23.79
N SER B 202 -8.56 10.63 23.03
CA SER B 202 -8.87 10.69 21.58
C SER B 202 -7.55 10.77 20.79
N ILE B 203 -7.37 9.87 19.83
CA ILE B 203 -6.14 9.80 18.97
C ILE B 203 -6.61 10.07 17.54
N THR B 204 -6.06 11.08 16.86
CA THR B 204 -6.44 11.41 15.47
C THR B 204 -5.31 10.89 14.57
N LEU B 205 -5.66 10.30 13.42
CA LEU B 205 -4.69 9.62 12.54
C LEU B 205 -4.94 10.12 11.12
N GLY B 206 -3.97 10.84 10.55
CA GLY B 206 -4.01 11.26 9.13
C GLY B 206 -5.28 12.03 8.82
N THR B 207 -5.71 12.94 9.71
CA THR B 207 -6.72 13.98 9.35
C THR B 207 -6.15 15.36 9.66
N SER B 208 -6.45 16.34 8.81
CA SER B 208 -6.11 17.77 9.03
C SER B 208 -7.12 18.42 9.99
N LEU B 209 -8.24 17.75 10.29
CA LEU B 209 -9.28 18.19 11.25
C LEU B 209 -9.89 19.54 10.83
N GLN B 210 -9.99 19.80 9.53
CA GLN B 210 -10.38 21.12 8.99
C GLN B 210 -11.89 21.14 8.69
N ILE B 211 -12.59 20.03 8.88
CA ILE B 211 -14.04 19.93 8.56
C ILE B 211 -14.84 19.95 9.85
N ARG B 212 -15.85 20.83 9.92
CA ARG B 212 -16.85 20.88 11.02
C ARG B 212 -17.97 19.95 10.62
N PRO B 213 -18.57 19.15 11.52
CA PRO B 213 -18.11 19.03 12.89
C PRO B 213 -17.13 17.87 13.12
N SER B 214 -16.91 17.03 12.10
CA SER B 214 -15.98 15.87 12.19
C SER B 214 -14.69 16.25 12.88
N GLY B 215 -14.01 17.31 12.41
CA GLY B 215 -12.68 17.69 12.88
C GLY B 215 -12.71 18.24 14.30
N ASN B 216 -13.89 18.65 14.79
CA ASN B 216 -14.01 19.19 16.16
C ASN B 216 -14.31 18.06 17.17
N LEU B 217 -14.86 16.91 16.74
CA LEU B 217 -15.23 15.80 17.69
C LEU B 217 -14.09 15.47 18.64
N PRO B 218 -12.83 15.35 18.17
CA PRO B 218 -11.72 15.07 19.07
C PRO B 218 -11.60 16.07 20.22
N LEU B 219 -12.00 17.34 20.02
CA LEU B 219 -11.86 18.42 21.05
C LEU B 219 -12.79 18.12 22.21
N ALA B 220 -13.96 17.54 21.93
CA ALA B 220 -14.99 17.15 22.92
C ALA B 220 -14.35 16.28 24.01
N THR B 221 -13.36 15.48 23.64
CA THR B 221 -12.62 14.61 24.58
C THR B 221 -11.91 15.49 25.63
N LYS B 222 -11.35 16.65 25.25
CA LYS B 222 -10.62 17.52 26.22
C LYS B 222 -11.58 18.02 27.32
N ARG B 223 -12.89 18.16 27.06
CA ARG B 223 -13.88 18.49 28.12
C ARG B 223 -13.90 17.36 29.16
N ARG B 224 -13.97 17.71 30.45
CA ARG B 224 -13.93 16.77 31.61
C ARG B 224 -12.59 16.04 31.65
N GLY B 225 -11.56 16.60 31.02
CA GLY B 225 -10.14 16.28 31.29
C GLY B 225 -9.60 15.17 30.42
N GLY B 226 -10.23 14.88 29.29
CA GLY B 226 -9.73 13.86 28.35
C GLY B 226 -8.44 14.33 27.72
N ARG B 227 -7.60 13.39 27.26
CA ARG B 227 -6.34 13.70 26.53
C ARG B 227 -6.59 13.56 25.02
N LEU B 228 -5.83 14.33 24.24
CA LEU B 228 -5.94 14.39 22.77
C LEU B 228 -4.54 14.12 22.20
N VAL B 229 -4.44 13.17 21.27
CA VAL B 229 -3.18 12.90 20.54
C VAL B 229 -3.51 13.09 19.06
N ILE B 230 -2.66 13.85 18.37
CA ILE B 230 -2.75 14.12 16.91
C ILE B 230 -1.55 13.45 16.22
N VAL B 231 -1.81 12.49 15.33
CA VAL B 231 -0.76 11.88 14.49
C VAL B 231 -1.00 12.39 13.07
N ASN B 232 -0.10 13.20 12.53
CA ASN B 232 -0.26 13.77 11.18
C ASN B 232 1.10 14.29 10.71
N LEU B 233 1.31 14.30 9.40
CA LEU B 233 2.52 14.83 8.75
C LEU B 233 2.46 16.36 8.69
N GLN B 234 1.28 16.94 8.53
CA GLN B 234 1.09 18.39 8.40
C GLN B 234 0.51 18.92 9.70
N PRO B 235 0.62 20.24 9.91
CA PRO B 235 -0.18 20.92 10.92
C PRO B 235 -1.65 20.61 10.71
N THR B 236 -2.43 20.60 11.78
CA THR B 236 -3.90 20.41 11.77
C THR B 236 -4.56 21.61 12.44
N LYS B 237 -5.86 21.78 12.24
CA LYS B 237 -6.61 22.93 12.78
C LYS B 237 -6.40 23.05 14.29
N HIS B 238 -6.20 21.95 15.01
CA HIS B 238 -6.30 21.94 16.48
C HIS B 238 -4.97 21.57 17.14
N ASP B 239 -3.84 21.72 16.45
CA ASP B 239 -2.50 21.39 17.03
C ASP B 239 -2.32 21.92 18.46
N ARG B 240 -2.86 23.10 18.79
CA ARG B 240 -2.59 23.81 20.07
C ARG B 240 -3.29 23.06 21.24
N HIS B 241 -4.36 22.32 20.94
CA HIS B 241 -5.20 21.64 21.97
C HIS B 241 -4.68 20.24 22.30
N ALA B 242 -3.72 19.71 21.54
CA ALA B 242 -3.20 18.34 21.71
C ALA B 242 -2.22 18.27 22.89
N ASP B 243 -2.27 17.20 23.68
CA ASP B 243 -1.26 16.89 24.72
C ASP B 243 -0.03 16.24 24.07
N LEU B 244 -0.14 15.79 22.83
CA LEU B 244 0.96 15.07 22.12
C LEU B 244 0.64 15.09 20.64
N ARG B 245 1.58 15.59 19.83
CA ARG B 245 1.47 15.66 18.37
C ARG B 245 2.63 14.81 17.86
N ILE B 246 2.35 13.84 17.00
CA ILE B 246 3.38 12.95 16.41
C ILE B 246 3.40 13.23 14.91
N HIS B 247 4.54 13.74 14.43
CA HIS B 247 4.73 14.08 13.01
C HIS B 247 5.51 12.92 12.39
N GLY B 248 4.78 11.96 11.80
CA GLY B 248 5.35 10.83 11.04
C GLY B 248 4.28 10.08 10.28
N TYR B 249 4.72 9.13 9.47
CA TYR B 249 3.86 8.12 8.78
C TYR B 249 3.08 7.29 9.82
N VAL B 250 1.75 7.22 9.70
CA VAL B 250 0.83 6.56 10.68
C VAL B 250 1.18 5.08 10.76
N ASP B 251 1.54 4.47 9.62
CA ASP B 251 1.98 3.06 9.55
C ASP B 251 3.15 2.84 10.52
N GLU B 252 4.11 3.76 10.58
CA GLU B 252 5.33 3.61 11.42
C GLU B 252 4.93 3.82 12.91
N VAL B 253 4.23 4.89 13.20
CA VAL B 253 3.66 5.15 14.54
C VAL B 253 2.89 3.91 15.02
N MET B 254 1.95 3.42 14.25
CA MET B 254 1.06 2.32 14.71
C MET B 254 1.82 0.98 14.82
N THR B 255 2.77 0.67 13.95
CA THR B 255 3.57 -0.58 14.08
C THR B 255 4.44 -0.48 15.32
N ARG B 256 5.06 0.66 15.61
CA ARG B 256 5.82 0.77 16.90
C ARG B 256 4.85 0.69 18.09
N LEU B 257 3.71 1.37 18.02
CA LEU B 257 2.75 1.36 19.16
C LEU B 257 2.37 -0.10 19.43
N MET B 258 2.03 -0.86 18.38
CA MET B 258 1.54 -2.24 18.51
C MET B 258 2.66 -3.10 19.12
N LYS B 259 3.90 -2.86 18.73
CA LYS B 259 5.07 -3.57 19.32
C LYS B 259 5.15 -3.27 20.82
N HIS B 260 5.04 -2.01 21.26
CA HIS B 260 5.12 -1.69 22.72
C HIS B 260 3.96 -2.34 23.45
N LEU B 261 2.78 -2.47 22.81
CA LEU B 261 1.59 -3.03 23.46
C LEU B 261 1.67 -4.56 23.47
N GLY B 262 2.61 -5.20 22.74
CA GLY B 262 2.73 -6.66 22.67
C GLY B 262 1.64 -7.29 21.82
N LEU B 263 1.16 -6.57 20.82
CA LEU B 263 0.08 -7.02 19.90
C LEU B 263 0.64 -7.18 18.49
N GLU B 264 0.26 -8.28 17.86
CA GLU B 264 0.50 -8.51 16.42
C GLU B 264 -0.61 -7.80 15.64
N ILE B 265 -0.26 -7.41 14.44
CA ILE B 265 -1.18 -6.85 13.41
C ILE B 265 -1.69 -8.04 12.62
N PRO B 266 -3.01 -8.33 12.70
CA PRO B 266 -3.56 -9.53 12.08
C PRO B 266 -3.55 -9.42 10.55
N ALA B 267 -3.45 -10.58 9.91
CA ALA B 267 -3.56 -10.80 8.44
C ALA B 267 -4.92 -10.29 7.96
N TRP B 268 -5.00 -9.71 6.76
CA TRP B 268 -6.28 -9.39 6.08
C TRP B 268 -6.67 -10.55 5.16
N ASP B 269 -7.85 -11.13 5.38
CA ASP B 269 -8.31 -12.33 4.66
C ASP B 269 -8.95 -11.94 3.32
N GLY B 270 -8.83 -10.68 2.88
CA GLY B 270 -9.64 -10.10 1.80
C GLY B 270 -10.94 -9.49 2.35
N PRO B 271 -11.81 -8.94 1.49
CA PRO B 271 -12.91 -8.10 1.96
C PRO B 271 -14.00 -8.81 2.78
N ARG B 272 -14.23 -8.36 4.01
CA ARG B 272 -15.20 -9.04 4.92
C ARG B 272 -15.98 -8.01 5.73
N VAL B 273 -17.28 -8.27 5.95
CA VAL B 273 -18.22 -7.37 6.68
C VAL B 273 -18.54 -8.03 8.01
N LEU B 274 -18.14 -7.40 9.12
CA LEU B 274 -18.56 -7.78 10.48
C LEU B 274 -19.57 -6.73 10.97
N GLU B 275 -20.82 -7.13 11.23
CA GLU B 275 -21.84 -6.18 11.72
C GLU B 275 -21.55 -5.83 13.17
N ARG B 276 -21.24 -6.81 14.03
CA ARG B 276 -21.26 -6.63 15.50
C ARG B 276 -19.92 -7.06 16.11
N ALA B 277 -19.43 -6.23 17.01
CA ALA B 277 -18.25 -6.45 17.88
C ALA B 277 -18.49 -7.68 18.75
N LEU B 278 -17.42 -8.43 19.05
CA LEU B 278 -17.42 -9.56 20.00
C LEU B 278 -16.84 -9.08 21.32
N PRO B 279 -17.03 -9.82 22.44
CA PRO B 279 -16.28 -9.58 23.66
C PRO B 279 -14.79 -9.59 23.34
N PRO B 280 -13.99 -8.82 24.12
CA PRO B 280 -12.56 -8.73 23.83
C PRO B 280 -11.83 -10.08 23.92
N LEU B 281 -10.86 -10.29 23.03
CA LEU B 281 -9.86 -11.40 23.11
C LEU B 281 -8.89 -11.10 24.24
N PRO B 282 -8.17 -12.12 24.74
CA PRO B 282 -7.13 -11.91 25.76
C PRO B 282 -6.10 -10.87 25.32
N ARG B 283 -5.57 -10.06 26.26
CA ARG B 283 -4.46 -9.15 25.91
C ARG B 283 -3.35 -9.22 26.94
N PRO B 284 -2.13 -8.75 26.62
CA PRO B 284 -1.02 -8.80 27.56
C PRO B 284 -1.42 -8.12 28.85
N PRO B 285 -0.78 -8.49 29.98
CA PRO B 285 -0.88 -7.70 31.19
C PRO B 285 -0.15 -6.37 31.01
N THR B 286 -0.52 -5.37 31.81
CA THR B 286 -0.14 -3.95 31.63
C THR B 286 1.20 -3.67 32.32
N PRO B 287 2.07 -2.79 31.80
CA PRO B 287 3.23 -2.35 32.57
C PRO B 287 2.85 -1.53 33.81
N LYS B 288 3.71 -1.59 34.80
CA LYS B 288 3.73 -0.64 35.94
C LYS B 288 4.12 0.73 35.39
N LEU B 289 3.34 1.75 35.71
CA LEU B 289 3.55 3.15 35.25
C LEU B 289 3.80 4.09 36.44
N GLU B 290 5.00 4.69 36.52
CA GLU B 290 5.37 5.85 37.37
C GLU B 290 5.43 5.43 38.85
O1 PG4 C . 23.45 0.30 -17.06
C1 PG4 C . 22.14 0.53 -16.60
C2 PG4 C . 22.09 1.22 -15.27
O2 PG4 C . 20.75 1.41 -14.84
C3 PG4 C . 20.51 2.63 -14.14
C4 PG4 C . 21.12 2.59 -12.77
O3 PG4 C . 21.18 3.91 -12.22
C5 PG4 C . 20.13 4.20 -11.32
C6 PG4 C . 19.82 5.67 -11.30
O4 PG4 C . 19.70 6.13 -9.95
C7 PG4 C . 18.48 5.76 -9.31
C8 PG4 C . 18.76 5.20 -7.94
O5 PG4 C . 17.62 5.13 -7.10
C1 O5L D . 13.48 6.62 -4.97
C2 O5L D . 12.94 5.32 -5.41
O1 O5L D . 12.80 7.63 -5.12
N1 O5L D . 14.64 6.54 -4.32
O2 O5L D . 15.57 7.57 -4.35
C3 O5L D . 16.43 7.42 -5.49
C4 O5L D . 16.80 8.77 -6.04
C5 O5L D . 17.89 8.92 -6.87
C6 O5L D . 18.27 10.15 -7.39
C7 O5L D . 17.52 11.28 -7.07
C8 O5L D . 16.40 11.14 -6.24
C9 O5L D . 16.06 9.90 -5.73
C10 O5L D . 11.72 5.16 -6.06
C11 O5L D . 11.27 3.89 -6.38
C12 O5L D . 12.02 2.77 -6.03
C13 O5L D . 13.22 2.94 -5.37
C14 O5L D . 13.68 4.20 -5.06
C15 O5L D . 11.68 1.34 -6.32
N2 O5L D . 10.42 0.94 -6.20
O3 O5L D . 12.60 0.56 -6.61
S1 O5L D . 17.92 12.90 -7.68
C16 O5L D . 19.21 13.44 -6.60
C17 O5L D . 20.50 13.66 -7.08
C18 O5L D . 21.50 14.06 -6.22
C19 O5L D . 21.25 14.26 -4.86
C20 O5L D . 19.95 14.03 -4.38
C21 O5L D . 18.95 13.63 -5.24
N3 O5L D . 22.24 14.66 -4.01
C22 O5L D . 19.48 10.23 -8.28
F1 O5L D . 20.58 10.61 -7.63
F2 O5L D . 19.34 11.09 -9.29
F3 O5L D . 19.79 9.07 -8.85
N1 AR6 E . -0.09 -0.73 -11.80
C2 AR6 E . 0.40 -0.87 -13.06
N3 AR6 E . 1.32 -0.14 -13.70
C4 AR6 E . 1.82 0.81 -12.89
C5 AR6 E . 1.43 1.09 -11.61
C6 AR6 E . 0.41 0.29 -11.05
N6 AR6 E . -0.02 0.41 -9.79
N7 AR6 E . 2.15 2.19 -11.12
C8 AR6 E . 2.95 2.53 -12.09
N9 AR6 E . 2.79 1.73 -13.19
PA AR6 E . 9.28 3.41 -14.54
PB AR6 E . 11.20 1.24 -14.07
C1' AR6 E . 3.60 1.83 -14.38
O1A AR6 E . 8.66 4.39 -13.59
O1B AR6 E . 10.83 0.63 -15.40
C1D AR6 E . 15.29 4.30 -13.16
O1D AR6 E . 16.17 5.29 -13.59
C2' AR6 E . 3.87 3.24 -14.93
O2' AR6 E . 2.84 3.46 -15.86
O2A AR6 E . 10.05 3.90 -15.70
O2B AR6 E . 11.29 0.28 -12.94
C2D AR6 E . 15.81 3.39 -12.05
O2D AR6 E . 17.15 3.04 -12.25
C3' AR6 E . 5.25 3.11 -15.58
O3' AR6 E . 5.21 2.97 -16.99
O3A AR6 E . 10.17 2.39 -13.70
C3D AR6 E . 14.93 2.15 -12.25
O3D AR6 E . 15.51 0.94 -11.74
C4' AR6 E . 5.84 1.83 -14.95
O4' AR6 E . 4.86 1.41 -13.97
C4D AR6 E . 14.92 2.07 -13.78
O4D AR6 E . 15.03 3.43 -14.23
C5' AR6 E . 7.15 1.98 -14.21
O5' AR6 E . 8.16 2.44 -15.14
C5D AR6 E . 13.77 1.39 -14.49
O5D AR6 E . 12.53 2.06 -14.17
ZN ZN F . 34.43 -9.80 3.94
O1 PG4 G . 14.54 9.18 0.03
C1 PG4 G . 13.39 9.59 0.76
C2 PG4 G . 13.21 8.79 2.02
O2 PG4 G . 12.04 7.98 1.93
C3 PG4 G . 11.23 8.06 3.09
C4 PG4 G . 10.44 9.34 3.09
O3 PG4 G . 10.91 10.20 4.15
C5 PG4 G . 11.29 11.50 3.69
C6 PG4 G . 11.20 12.47 4.81
O4 PG4 G . 12.44 12.53 5.51
C7 PG4 G . 12.31 12.84 6.90
C8 PG4 G . 12.39 11.60 7.73
O5 PG4 G . 11.65 10.51 7.18
O1 PG4 H . -19.64 23.86 7.34
C1 PG4 H . -20.55 23.36 6.36
C2 PG4 H . -21.51 22.35 6.94
O2 PG4 H . -21.57 21.21 6.10
C3 PG4 H . -21.57 19.98 6.82
C4 PG4 H . -21.34 18.82 5.90
O3 PG4 H . -19.93 18.63 5.72
C5 PG4 H . -19.56 17.31 5.34
C6 PG4 H . -18.57 17.37 4.19
O4 PG4 H . -18.72 16.23 3.36
C7 PG4 H . -18.66 16.52 1.97
C8 PG4 H . -17.37 17.22 1.63
O5 PG4 H . -17.11 17.25 0.24
C1 O5L I . -13.01 10.53 -4.70
C2 O5L I . -12.03 10.32 -3.58
O1 O5L I . -12.83 10.08 -5.83
N1 O5L I . -14.05 11.29 -4.35
O2 O5L I . -14.41 12.29 -5.26
C3 O5L I . -13.56 13.42 -5.09
C4 O5L I . -13.33 14.08 -6.43
C5 O5L I . -13.67 15.41 -6.62
C6 O5L I . -13.48 16.04 -7.84
C7 O5L I . -12.95 15.30 -8.90
C8 O5L I . -12.59 13.96 -8.71
C9 O5L I . -12.79 13.36 -7.48
C10 O5L I . -10.75 10.86 -3.56
C11 O5L I . -9.92 10.64 -2.48
C12 O5L I . -10.35 9.87 -1.41
C13 O5L I . -11.65 9.36 -1.41
C14 O5L I . -12.48 9.58 -2.50
C15 O5L I . -9.50 9.65 -0.21
N2 O5L I . -9.63 8.51 0.46
O3 O5L I . -8.78 10.57 0.17
S1 O5L I . -12.67 16.09 -10.49
C16 O5L I . -13.60 15.20 -11.71
C17 O5L I . -13.37 15.54 -13.04
C18 O5L I . -14.05 14.90 -14.05
C19 O5L I . -15.00 13.92 -13.76
C20 O5L I . -15.23 13.58 -12.42
C21 O5L I . -14.55 14.22 -11.41
N3 O5L I . -15.67 13.29 -14.78
C22 O5L I . -13.87 17.48 -8.00
F1 O5L I . -14.33 18.02 -6.87
F2 O5L I . -14.84 17.67 -8.89
F3 O5L I . -12.87 18.25 -8.37
N1 AR6 J . 0.80 9.50 7.78
C2 AR6 J . 0.46 10.63 8.42
N3 AR6 J . -0.22 11.68 7.98
C4 AR6 J . -0.54 11.53 6.69
C5 AR6 J . -0.21 10.47 5.88
C6 AR6 J . 0.47 9.38 6.47
N6 AR6 J . 0.82 8.25 5.85
N7 AR6 J . -0.69 10.71 4.60
C8 AR6 J . -1.26 11.90 4.65
N9 AR6 J . -1.16 12.45 5.88
PA AR6 J . -7.10 15.71 4.56
PB AR6 J . -9.31 14.55 5.90
C1' AR6 J . -1.79 13.69 6.34
O1A AR6 J . -7.67 17.06 4.79
O1B AR6 J . -9.77 13.16 6.11
C1D AR6 J . -12.68 16.34 2.38
O1D AR6 J . -13.44 17.35 1.82
C2' AR6 J . -1.72 14.93 5.48
O2' AR6 J . -0.54 15.61 5.85
O2A AR6 J . -6.46 15.43 3.24
O2B AR6 J . -8.78 15.27 7.07
C2D AR6 J . -13.45 15.02 2.36
O2D AR6 J . -14.83 15.18 2.56
C3' AR6 J . -3.01 15.68 5.88
O3' AR6 J . -2.81 16.66 6.89
O3A AR6 J . -8.21 14.60 4.77
C3D AR6 J . -12.86 14.29 3.56
O3D AR6 J . -13.77 13.29 4.01
C4' AR6 J . -3.94 14.59 6.43
O4' AR6 J . -3.16 13.38 6.36
C4D AR6 J . -12.77 15.45 4.55
O4D AR6 J . -12.43 16.61 3.75
C5' AR6 J . -5.18 14.32 5.64
O5' AR6 J . -6.04 15.45 5.72
C5D AR6 J . -11.80 15.31 5.69
O5D AR6 J . -10.45 15.40 5.19
ZN ZN K . -36.14 -0.95 1.81
S SO4 L . 1.40 10.61 -5.54
O1 SO4 L . 0.47 10.16 -6.52
O2 SO4 L . 2.60 9.81 -5.65
O3 SO4 L . 0.85 10.51 -4.23
O4 SO4 L . 1.74 11.97 -5.80
S SO4 M . 5.48 19.19 18.77
O1 SO4 M . 6.64 18.62 19.42
O2 SO4 M . 5.88 20.09 17.73
O3 SO4 M . 4.69 18.13 18.21
O4 SO4 M . 4.69 19.90 19.74
S SO4 N . -1.80 -9.82 5.32
O1 SO4 N . -1.76 -11.11 5.91
O2 SO4 N . -0.46 -9.38 5.05
O3 SO4 N . -2.56 -9.86 4.09
O4 SO4 N . -2.45 -8.88 6.21
S SO4 O . -20.24 16.64 28.34
O1 SO4 O . -20.37 17.38 27.12
O2 SO4 O . -19.46 15.45 28.14
O3 SO4 O . -19.61 17.46 29.34
O4 SO4 O . -21.56 16.28 28.79
S SO4 P . -19.42 21.78 15.43
O1 SO4 P . -18.13 21.19 15.27
O2 SO4 P . -19.92 22.19 14.14
O3 SO4 P . -20.33 20.82 16.01
O4 SO4 P . -19.32 22.92 16.30
#